data_6XTF
#
_entry.id   6XTF
#
_cell.length_a   166.741
_cell.length_b   181.312
_cell.length_c   80.369
_cell.angle_alpha   90.000
_cell.angle_beta   90.000
_cell.angle_gamma   90.000
#
_symmetry.space_group_name_H-M   'C 2 2 21'
#
loop_
_entity.id
_entity.type
_entity.pdbx_description
1 polymer 'Thioredoxin reductase'
2 polymer Ferredoxin
3 non-polymer 'FLAVIN-ADENINE DINUCLEOTIDE'
4 non-polymer 'ACETATE ION'
5 non-polymer DI(HYDROXYETHYL)ETHER
6 non-polymer 'TETRAETHYLENE GLYCOL'
7 non-polymer 'TRIETHYLENE GLYCOL'
8 non-polymer 'FE2/S2 (INORGANIC) CLUSTER'
9 water water
#
loop_
_entity_poly.entity_id
_entity_poly.type
_entity_poly.pdbx_seq_one_letter_code
_entity_poly.pdbx_strand_id
1 'polypeptide(L)'
;GSHMEQFDFDVVIVGGGPAGCTCALYTARSELKTVILDKNPAAGALAITHKIANYPGVPGEMSGDHLLEVMRDQAVEFGT
VYRRAQVYGLDLSEPVKKVYTPEGIFTGRALVLATGAMGRIASIPGEAEYLGRGVSYCATCDGAFYRNREVVVVGLNPEA
VEEAQVLTKFASTVHWITPKDPHTLDGHADELLAHPSVKLWEKTRLIRIKGEEAGVTAVEVRHPGESDSQELLAEGVFVY
LQGSKPITDFVAGQVEMKPDGGVWVDEMMQTSVPGVWGIGDIRNTPFKQAVVAAGDGCIAAMAIDRFLNSRKAIKPDWAH
;
A,B
2 'polypeptide(L)'
;GSHMATYKVTLVTPSGKKEIDCPSDEYILDAAERQGLDLPFSCRAGACSTCAGKMVSGTIDQGDQSFLDDDQIAAGYVLT
CVAYPTSNCSIETHKEDELY
;
C,D
#
loop_
_chem_comp.id
_chem_comp.type
_chem_comp.name
_chem_comp.formula
ACT non-polymer 'ACETATE ION' 'C2 H3 O2 -1'
FAD non-polymer 'FLAVIN-ADENINE DINUCLEOTIDE' 'C27 H33 N9 O15 P2'
FES non-polymer 'FE2/S2 (INORGANIC) CLUSTER' 'Fe2 S2'
PEG non-polymer DI(HYDROXYETHYL)ETHER 'C4 H10 O3'
PG4 non-polymer 'TETRAETHYLENE GLYCOL' 'C8 H18 O5'
PGE non-polymer 'TRIETHYLENE GLYCOL' 'C6 H14 O4'
#
# COMPACT_ATOMS: atom_id res chain seq x y z
N GLN A 6 -1.76 5.48 -16.52
CA GLN A 6 -0.50 5.47 -15.77
C GLN A 6 -0.03 6.89 -15.43
N PHE A 7 0.09 7.77 -16.43
CA PHE A 7 0.57 9.14 -16.18
C PHE A 7 -0.32 10.25 -16.74
N ASP A 8 -1.09 9.98 -17.80
CA ASP A 8 -2.00 10.98 -18.37
C ASP A 8 -3.41 10.78 -17.80
N PHE A 9 -3.92 11.83 -17.16
CA PHE A 9 -5.23 11.78 -16.52
C PHE A 9 -6.09 12.95 -16.95
N ASP A 10 -7.40 12.78 -16.77
CA ASP A 10 -8.31 13.90 -16.90
C ASP A 10 -8.09 14.89 -15.77
N VAL A 11 -7.98 14.37 -14.55
CA VAL A 11 -7.86 15.18 -13.33
C VAL A 11 -6.67 14.68 -12.52
N VAL A 12 -5.79 15.62 -12.15
CA VAL A 12 -4.72 15.35 -11.21
C VAL A 12 -4.99 16.13 -9.94
N ILE A 13 -5.05 15.43 -8.82
CA ILE A 13 -5.29 16.04 -7.51
C ILE A 13 -4.02 15.88 -6.70
N VAL A 14 -3.48 17.01 -6.24
CA VAL A 14 -2.29 17.04 -5.42
C VAL A 14 -2.73 17.13 -3.97
N GLY A 15 -2.60 16.02 -3.25
CA GLY A 15 -2.96 15.95 -1.85
C GLY A 15 -4.16 15.06 -1.61
N GLY A 16 -4.02 14.11 -0.68
CA GLY A 16 -5.07 13.15 -0.39
C GLY A 16 -5.63 13.28 1.02
N GLY A 17 -5.90 14.51 1.45
CA GLY A 17 -6.67 14.76 2.64
C GLY A 17 -8.15 14.68 2.30
N PRO A 18 -9.02 15.10 3.22
CA PRO A 18 -10.47 15.03 2.94
C PRO A 18 -10.91 15.87 1.75
N ALA A 19 -10.22 16.98 1.46
CA ALA A 19 -10.55 17.79 0.30
C ALA A 19 -10.26 17.05 -0.98
N GLY A 20 -9.03 16.54 -1.12
CA GLY A 20 -8.66 15.81 -2.31
C GLY A 20 -9.41 14.51 -2.51
N CYS A 21 -9.59 13.75 -1.41
CA CYS A 21 -10.30 12.48 -1.54
C CYS A 21 -11.74 12.70 -1.96
N THR A 22 -12.37 13.77 -1.47
CA THR A 22 -13.75 14.06 -1.83
C THR A 22 -13.85 14.52 -3.27
N CYS A 23 -12.96 15.43 -3.68
CA CYS A 23 -12.90 15.84 -5.08
C CYS A 23 -12.80 14.66 -6.01
N ALA A 24 -11.93 13.69 -5.66
CA ALA A 24 -11.73 12.51 -6.49
C ALA A 24 -12.96 11.63 -6.51
N LEU A 25 -13.59 11.45 -5.35
CA LEU A 25 -14.84 10.71 -5.29
C LEU A 25 -15.80 11.21 -6.37
N TYR A 26 -15.95 12.53 -6.48
CA TYR A 26 -16.96 13.10 -7.37
C TYR A 26 -16.49 13.07 -8.83
N THR A 27 -15.21 13.36 -9.10
CA THR A 27 -14.71 13.33 -10.47
C THR A 27 -14.66 11.90 -11.03
N ALA A 28 -14.31 10.93 -10.18
CA ALA A 28 -14.30 9.54 -10.63
C ALA A 28 -15.70 9.05 -10.96
N ARG A 29 -16.70 9.48 -10.16
CA ARG A 29 -18.10 9.15 -10.41
C ARG A 29 -18.62 9.79 -11.68
N SER A 30 -18.05 10.95 -12.05
CA SER A 30 -18.30 11.60 -13.33
C SER A 30 -17.60 10.88 -14.47
N GLU A 31 -16.96 9.75 -14.16
CA GLU A 31 -16.15 8.92 -15.06
C GLU A 31 -15.01 9.70 -15.72
N LEU A 32 -14.46 10.65 -14.99
CA LEU A 32 -13.20 11.29 -15.34
C LEU A 32 -12.03 10.48 -14.77
N LYS A 33 -11.04 10.21 -15.60
CA LYS A 33 -9.85 9.50 -15.16
C LYS A 33 -9.09 10.38 -14.17
N THR A 34 -8.99 9.93 -12.91
CA THR A 34 -8.54 10.77 -11.81
C THR A 34 -7.41 10.10 -11.04
N VAL A 35 -6.43 10.91 -10.66
CA VAL A 35 -5.33 10.46 -9.81
C VAL A 35 -5.19 11.39 -8.63
N ILE A 36 -4.93 10.80 -7.46
CA ILE A 36 -4.49 11.53 -6.29
C ILE A 36 -3.00 11.27 -6.12
N LEU A 37 -2.22 12.35 -6.06
CA LEU A 37 -0.81 12.29 -5.71
C LEU A 37 -0.69 12.74 -4.27
N ASP A 38 -0.42 11.80 -3.37
CA ASP A 38 -0.41 12.03 -1.93
C ASP A 38 0.99 11.78 -1.41
N LYS A 39 1.65 12.86 -0.97
CA LYS A 39 2.98 12.78 -0.39
C LYS A 39 3.09 11.70 0.68
N ASN A 40 2.21 11.77 1.66
CA ASN A 40 2.23 10.92 2.83
C ASN A 40 0.85 10.92 3.44
N PRO A 41 0.17 9.77 3.48
CA PRO A 41 -1.20 9.74 4.02
C PRO A 41 -1.28 10.07 5.49
N ALA A 42 -0.18 9.92 6.23
CA ALA A 42 -0.13 10.22 7.65
C ALA A 42 0.20 11.69 7.95
N ALA A 43 0.40 12.53 6.93
CA ALA A 43 0.92 13.88 7.16
C ALA A 43 -0.12 14.98 7.07
N GLY A 44 -1.37 14.66 6.70
CA GLY A 44 -2.41 15.67 6.65
C GLY A 44 -3.05 15.93 8.00
N ALA A 45 -3.75 17.06 8.10
CA ALA A 45 -4.31 17.48 9.38
C ALA A 45 -5.30 16.45 9.90
N LEU A 46 -6.22 16.01 9.05
CA LEU A 46 -7.19 15.03 9.49
C LEU A 46 -6.50 13.74 9.91
N ALA A 47 -5.44 13.35 9.19
CA ALA A 47 -4.74 12.11 9.50
C ALA A 47 -4.15 12.13 10.89
N ILE A 48 -3.75 13.32 11.38
CA ILE A 48 -3.09 13.38 12.67
C ILE A 48 -4.04 13.67 13.83
N THR A 49 -5.32 13.93 13.59
CA THR A 49 -6.22 14.09 14.73
C THR A 49 -6.57 12.73 15.31
N HIS A 50 -6.29 12.54 16.60
CA HIS A 50 -6.54 11.25 17.20
C HIS A 50 -8.03 11.00 17.40
N LYS A 51 -8.85 12.04 17.55
CA LYS A 51 -10.28 11.86 17.69
C LYS A 51 -11.01 12.92 16.87
N ILE A 52 -12.02 12.52 16.10
CA ILE A 52 -12.91 13.47 15.45
C ILE A 52 -14.34 13.08 15.79
N ALA A 53 -15.07 14.00 16.40
CA ALA A 53 -16.41 13.73 16.89
C ALA A 53 -17.42 14.72 16.32
N ASN A 54 -16.99 15.58 15.39
CA ASN A 54 -17.86 16.59 14.79
C ASN A 54 -17.88 16.47 13.27
N TYR A 55 -17.60 15.30 12.73
CA TYR A 55 -17.81 15.08 11.31
C TYR A 55 -19.21 14.54 11.15
N PRO A 56 -20.11 15.28 10.51
CA PRO A 56 -21.51 14.88 10.44
C PRO A 56 -21.69 13.61 9.62
N GLY A 57 -22.47 12.68 10.16
CA GLY A 57 -22.73 11.41 9.53
C GLY A 57 -21.86 10.29 10.06
N VAL A 58 -20.86 10.63 10.85
CA VAL A 58 -19.89 9.68 11.37
C VAL A 58 -19.92 9.76 12.90
N PRO A 59 -20.71 8.89 13.54
CA PRO A 59 -20.93 8.96 14.99
C PRO A 59 -19.88 8.20 15.79
N GLY A 60 -19.95 8.27 17.12
CA GLY A 60 -19.12 7.44 17.98
C GLY A 60 -17.64 7.79 17.97
N GLU A 61 -16.84 6.79 18.35
CA GLU A 61 -15.39 6.92 18.43
C GLU A 61 -14.80 6.77 17.03
N MET A 62 -14.10 7.79 16.56
CA MET A 62 -13.51 7.74 15.24
C MET A 62 -12.21 8.54 15.26
N SER A 63 -11.14 7.92 14.79
CA SER A 63 -9.87 8.63 14.64
C SER A 63 -9.79 9.22 13.24
N GLY A 64 -9.04 10.31 13.13
CA GLY A 64 -8.98 11.04 11.90
C GLY A 64 -8.44 10.20 10.75
N ASP A 65 -7.44 9.37 11.04
CA ASP A 65 -6.83 8.59 9.97
C ASP A 65 -7.73 7.44 9.51
N HIS A 66 -8.61 6.94 10.38
CA HIS A 66 -9.63 5.96 9.98
CA HIS A 66 -9.58 5.95 9.92
C HIS A 66 -10.73 6.61 9.17
N LEU A 67 -11.02 7.88 9.44
CA LEU A 67 -12.02 8.57 8.64
C LEU A 67 -11.47 8.85 7.25
N LEU A 68 -10.23 9.33 7.18
CA LEU A 68 -9.62 9.57 5.87
C LEU A 68 -9.52 8.28 5.08
N GLU A 69 -9.20 7.15 5.72
CA GLU A 69 -9.09 5.90 4.99
C GLU A 69 -10.40 5.57 4.29
N VAL A 70 -11.53 5.79 4.98
CA VAL A 70 -12.84 5.54 4.41
C VAL A 70 -13.04 6.40 3.17
N MET A 71 -12.62 7.67 3.24
CA MET A 71 -12.80 8.60 2.13
C MET A 71 -11.93 8.21 0.95
N ARG A 72 -10.68 7.84 1.23
CA ARG A 72 -9.76 7.36 0.22
C ARG A 72 -10.29 6.10 -0.45
N ASP A 73 -10.72 5.12 0.34
CA ASP A 73 -11.26 3.91 -0.25
C ASP A 73 -12.49 4.21 -1.09
N GLN A 74 -13.35 5.13 -0.63
CA GLN A 74 -14.50 5.52 -1.45
C GLN A 74 -14.06 6.01 -2.82
N ALA A 75 -13.12 6.96 -2.85
CA ALA A 75 -12.64 7.51 -4.11
C ALA A 75 -12.13 6.41 -5.02
N VAL A 76 -11.43 5.41 -4.46
CA VAL A 76 -10.83 4.33 -5.25
C VAL A 76 -11.90 3.35 -5.71
N GLU A 77 -12.89 3.07 -4.87
CA GLU A 77 -13.95 2.16 -5.29
C GLU A 77 -14.63 2.66 -6.54
N PHE A 78 -14.67 3.98 -6.76
CA PHE A 78 -15.32 4.53 -7.94
C PHE A 78 -14.32 4.84 -9.05
N GLY A 79 -13.06 4.42 -8.92
CA GLY A 79 -12.12 4.39 -10.04
C GLY A 79 -10.91 5.28 -9.90
N THR A 80 -10.80 6.06 -8.83
CA THR A 80 -9.62 6.89 -8.61
C THR A 80 -8.37 6.05 -8.50
N VAL A 81 -7.28 6.54 -9.08
CA VAL A 81 -5.95 5.99 -8.88
C VAL A 81 -5.29 6.76 -7.75
N TYR A 82 -5.00 6.07 -6.63
CA TYR A 82 -4.28 6.66 -5.52
C TYR A 82 -2.81 6.28 -5.64
N ARG A 83 -1.94 7.30 -5.69
CA ARG A 83 -0.50 7.08 -5.80
C ARG A 83 0.18 7.84 -4.67
N ARG A 84 1.09 7.17 -3.95
CA ARG A 84 1.91 7.87 -2.98
C ARG A 84 3.06 8.54 -3.72
N ALA A 85 3.02 9.88 -3.80
CA ALA A 85 3.99 10.61 -4.60
C ALA A 85 3.98 12.08 -4.20
N GLN A 86 5.16 12.62 -3.91
CA GLN A 86 5.32 14.01 -3.51
C GLN A 86 5.51 14.86 -4.75
N VAL A 87 4.71 15.89 -4.90
CA VAL A 87 4.86 16.81 -6.01
C VAL A 87 5.83 17.91 -5.61
N TYR A 88 6.86 18.12 -6.43
CA TYR A 88 7.85 19.15 -6.18
C TYR A 88 7.75 20.31 -7.15
N GLY A 89 6.95 20.21 -8.21
CA GLY A 89 6.82 21.31 -9.14
C GLY A 89 5.69 21.12 -10.12
N LEU A 90 5.37 22.20 -10.81
CA LEU A 90 4.25 22.26 -11.73
C LEU A 90 4.59 23.10 -12.94
N ASP A 91 4.14 22.69 -14.13
CA ASP A 91 4.18 23.52 -15.33
C ASP A 91 2.75 23.81 -15.75
N LEU A 92 2.30 25.06 -15.60
CA LEU A 92 0.92 25.49 -15.78
C LEU A 92 0.74 26.37 -17.02
N SER A 93 1.75 26.33 -17.90
CA SER A 93 1.95 27.20 -19.05
C SER A 93 1.03 26.90 -20.21
N GLU A 94 0.51 25.70 -20.27
CA GLU A 94 -0.28 25.23 -21.40
C GLU A 94 -1.50 24.49 -20.91
N PRO A 95 -2.46 24.25 -21.80
CA PRO A 95 -3.75 23.67 -21.37
C PRO A 95 -3.64 22.35 -20.63
N VAL A 96 -2.74 21.46 -21.05
CA VAL A 96 -2.44 20.27 -20.26
C VAL A 96 -1.43 20.67 -19.20
N LYS A 97 -1.80 20.49 -17.93
CA LYS A 97 -0.96 20.82 -16.81
C LYS A 97 -0.01 19.65 -16.52
N LYS A 98 1.25 19.98 -16.22
CA LYS A 98 2.27 18.99 -15.92
C LYS A 98 2.60 19.05 -14.44
N VAL A 99 2.65 17.88 -13.79
CA VAL A 99 2.88 17.77 -12.36
C VAL A 99 4.12 16.93 -12.16
N TYR A 100 5.18 17.53 -11.62
CA TYR A 100 6.47 16.87 -11.45
C TYR A 100 6.54 16.14 -10.11
N THR A 101 6.82 14.84 -10.16
CA THR A 101 7.10 14.01 -9.01
C THR A 101 8.31 13.12 -9.28
N PRO A 102 8.92 12.57 -8.23
CA PRO A 102 9.97 11.55 -8.41
C PRO A 102 9.46 10.27 -9.06
N GLU A 103 8.19 9.92 -8.84
CA GLU A 103 7.58 8.77 -9.50
C GLU A 103 7.29 9.02 -10.97
N GLY A 104 7.51 10.24 -11.47
CA GLY A 104 7.31 10.61 -12.85
C GLY A 104 6.53 11.90 -13.00
N ILE A 105 6.26 12.25 -14.26
CA ILE A 105 5.47 13.43 -14.61
C ILE A 105 4.05 13.00 -14.91
N PHE A 106 3.11 13.55 -14.16
CA PHE A 106 1.70 13.32 -14.36
C PHE A 106 1.09 14.49 -15.10
N THR A 107 0.15 14.20 -16.00
CA THR A 107 -0.53 15.19 -16.82
C THR A 107 -1.99 15.23 -16.48
N GLY A 108 -2.58 16.40 -16.43
CA GLY A 108 -4.00 16.55 -16.25
C GLY A 108 -4.56 17.67 -17.10
N ARG A 109 -5.79 17.44 -17.59
CA ARG A 109 -6.56 18.51 -18.23
C ARG A 109 -7.08 19.48 -17.20
N ALA A 110 -7.25 19.01 -15.96
CA ALA A 110 -7.55 19.84 -14.80
C ALA A 110 -6.62 19.44 -13.66
N LEU A 111 -6.21 20.43 -12.88
CA LEU A 111 -5.32 20.24 -11.76
C LEU A 111 -5.97 20.79 -10.50
N VAL A 112 -5.92 20.03 -9.41
CA VAL A 112 -6.46 20.48 -8.14
C VAL A 112 -5.37 20.48 -7.08
N LEU A 113 -5.19 21.64 -6.44
CA LEU A 113 -4.24 21.83 -5.36
C LEU A 113 -4.96 21.62 -4.04
N ALA A 114 -4.53 20.61 -3.28
CA ALA A 114 -5.25 20.15 -2.09
C ALA A 114 -4.28 19.68 -0.99
N THR A 115 -3.26 20.49 -0.72
CA THR A 115 -2.13 20.11 0.12
C THR A 115 -2.27 20.55 1.57
N GLY A 116 -3.29 21.31 1.89
CA GLY A 116 -3.61 21.60 3.27
C GLY A 116 -2.73 22.70 3.85
N ALA A 117 -2.75 22.79 5.17
CA ALA A 117 -2.03 23.84 5.88
C ALA A 117 -1.28 23.29 7.09
N MET A 118 -0.52 22.22 6.91
CA MET A 118 0.38 21.74 7.96
C MET A 118 1.81 22.17 7.72
N GLY A 119 2.01 23.21 6.90
CA GLY A 119 3.34 23.63 6.58
C GLY A 119 3.89 24.58 7.63
N ARG A 120 5.20 24.46 7.86
CA ARG A 120 5.92 25.38 8.70
C ARG A 120 6.84 26.19 7.79
N ILE A 121 6.62 27.50 7.76
CA ILE A 121 7.51 28.41 7.05
C ILE A 121 8.87 28.33 7.71
N ALA A 122 9.93 28.45 6.91
CA ALA A 122 11.28 28.25 7.41
C ALA A 122 11.53 29.01 8.70
N SER A 123 11.97 28.23 9.69
CA SER A 123 12.02 28.53 11.12
C SER A 123 13.44 28.62 11.65
N ILE A 124 14.39 28.04 10.95
CA ILE A 124 15.74 27.81 11.45
C ILE A 124 16.70 28.70 10.66
N PRO A 125 17.57 29.46 11.32
CA PRO A 125 18.59 30.22 10.60
C PRO A 125 19.37 29.37 9.60
N GLY A 126 19.39 29.82 8.34
CA GLY A 126 20.06 29.13 7.26
C GLY A 126 19.16 28.25 6.41
N GLU A 127 17.96 27.94 6.91
CA GLU A 127 17.03 27.11 6.19
C GLU A 127 16.59 27.74 4.87
N ALA A 128 16.07 28.98 4.94
CA ALA A 128 15.68 29.67 3.70
C ALA A 128 16.89 29.98 2.82
N GLU A 129 18.00 30.32 3.46
CA GLU A 129 19.18 30.79 2.75
C GLU A 129 19.82 29.70 1.90
N TYR A 130 19.77 28.46 2.37
CA TYR A 130 20.43 27.35 1.68
C TYR A 130 19.42 26.41 1.05
N LEU A 131 18.20 26.90 0.83
CA LEU A 131 17.22 26.13 0.07
C LEU A 131 17.71 25.94 -1.35
N GLY A 132 17.62 24.71 -1.85
CA GLY A 132 18.18 24.35 -3.13
C GLY A 132 19.70 24.31 -3.17
N ARG A 133 20.36 24.41 -2.02
CA ARG A 133 21.82 24.38 -1.90
C ARG A 133 22.21 23.52 -0.71
N GLY A 134 21.45 22.45 -0.48
CA GLY A 134 21.65 21.55 0.65
C GLY A 134 20.43 21.37 1.51
N VAL A 135 19.53 22.36 1.56
CA VAL A 135 18.29 22.27 2.32
C VAL A 135 17.15 21.83 1.40
N SER A 136 16.38 20.85 1.85
CA SER A 136 15.39 20.17 1.02
C SER A 136 14.25 19.67 1.90
N TYR A 137 13.07 19.50 1.28
CA TYR A 137 11.89 18.95 1.95
C TYR A 137 11.38 17.69 1.27
N CYS A 138 12.21 17.06 0.44
CA CYS A 138 11.78 15.95 -0.39
C CYS A 138 12.98 15.01 -0.60
N ALA A 139 12.98 13.91 0.16
CA ALA A 139 14.06 12.93 0.09
C ALA A 139 13.99 12.07 -1.15
N THR A 140 12.79 11.78 -1.64
CA THR A 140 12.64 10.98 -2.84
C THR A 140 13.05 11.79 -4.07
N CYS A 141 13.09 13.11 -3.95
CA CYS A 141 13.50 13.95 -5.07
C CYS A 141 14.99 14.29 -5.04
N ASP A 142 15.60 14.50 -3.86
CA ASP A 142 17.00 14.91 -3.79
C ASP A 142 17.94 13.87 -3.20
N GLY A 143 17.42 12.72 -2.75
CA GLY A 143 18.25 11.79 -2.00
C GLY A 143 19.44 11.25 -2.78
N ALA A 144 19.24 10.94 -4.07
CA ALA A 144 20.31 10.37 -4.88
C ALA A 144 21.54 11.26 -4.94
N PHE A 145 21.37 12.56 -4.84
CA PHE A 145 22.54 13.44 -4.90
C PHE A 145 23.32 13.46 -3.60
N TYR A 146 22.90 12.71 -2.57
CA TYR A 146 23.66 12.63 -1.33
C TYR A 146 24.25 11.23 -1.14
N ARG A 147 24.52 10.54 -2.25
CA ARG A 147 25.22 9.28 -2.19
C ARG A 147 26.60 9.51 -1.57
N ASN A 148 26.86 8.76 -0.49
CA ASN A 148 28.12 8.77 0.26
C ASN A 148 28.44 10.15 0.83
N ARG A 149 27.39 10.86 1.23
CA ARG A 149 27.51 12.16 1.87
C ARG A 149 26.73 12.16 3.17
N GLU A 150 27.09 13.07 4.06
CA GLU A 150 26.42 13.16 5.33
C GLU A 150 25.25 14.11 5.28
N VAL A 151 24.12 13.67 5.84
CA VAL A 151 22.88 14.43 5.84
C VAL A 151 22.25 14.47 7.23
N VAL A 152 21.37 15.46 7.40
CA VAL A 152 20.64 15.69 8.63
C VAL A 152 19.16 15.64 8.35
N VAL A 153 18.41 14.97 9.20
CA VAL A 153 16.96 14.97 9.19
C VAL A 153 16.49 15.61 10.49
N VAL A 154 15.60 16.59 10.37
CA VAL A 154 15.03 17.27 11.52
C VAL A 154 13.56 16.93 11.63
N GLY A 155 13.15 16.43 12.78
CA GLY A 155 11.75 16.26 13.08
C GLY A 155 11.45 14.86 13.55
N LEU A 156 10.43 14.74 14.38
CA LEU A 156 9.95 13.45 14.90
C LEU A 156 8.48 13.33 14.53
N ASN A 157 8.21 12.63 13.44
CA ASN A 157 6.87 12.40 12.94
C ASN A 157 7.01 11.33 11.87
N PRO A 158 5.90 10.75 11.39
CA PRO A 158 6.01 9.68 10.40
C PRO A 158 6.66 10.11 9.09
N GLU A 159 6.47 11.36 8.66
CA GLU A 159 7.16 11.82 7.46
C GLU A 159 8.67 11.78 7.64
N ALA A 160 9.15 12.39 8.74
CA ALA A 160 10.58 12.39 9.03
C ALA A 160 11.15 10.98 9.04
N VAL A 161 10.42 10.04 9.64
CA VAL A 161 10.92 8.67 9.72
C VAL A 161 11.02 8.04 8.34
N GLU A 162 9.99 8.22 7.51
CA GLU A 162 9.99 7.58 6.21
C GLU A 162 11.00 8.23 5.26
N GLU A 163 11.17 9.54 5.38
CA GLU A 163 12.15 10.24 4.54
C GLU A 163 13.57 9.90 4.95
N ALA A 164 13.81 9.72 6.24
CA ALA A 164 15.13 9.29 6.70
C ALA A 164 15.45 7.90 6.20
N GLN A 165 14.46 7.00 6.19
CA GLN A 165 14.67 5.67 5.62
C GLN A 165 15.10 5.77 4.16
N VAL A 166 14.45 6.64 3.40
CA VAL A 166 14.86 6.89 2.02
C VAL A 166 16.33 7.28 1.98
N LEU A 167 16.72 8.22 2.84
CA LEU A 167 18.08 8.74 2.79
C LEU A 167 19.12 7.69 3.21
N THR A 168 18.75 6.68 4.01
CA THR A 168 19.72 5.65 4.37
C THR A 168 20.13 4.79 3.17
N LYS A 169 19.44 4.92 2.04
CA LYS A 169 19.84 4.20 0.85
C LYS A 169 20.93 4.91 0.07
N PHE A 170 21.30 6.12 0.48
CA PHE A 170 22.31 6.91 -0.21
C PHE A 170 23.40 7.46 0.69
N ALA A 171 23.01 8.03 1.82
CA ALA A 171 23.93 8.81 2.64
C ALA A 171 24.96 7.95 3.36
N SER A 172 26.14 8.55 3.54
CA SER A 172 27.19 8.06 4.43
C SER A 172 26.70 7.90 5.85
N THR A 173 26.02 8.94 6.33
CA THR A 173 25.44 8.98 7.66
C THR A 173 24.21 9.88 7.60
N VAL A 174 23.18 9.43 8.29
CA VAL A 174 21.96 10.19 8.48
C VAL A 174 21.91 10.59 9.95
N HIS A 175 22.21 11.86 10.22
CA HIS A 175 22.06 12.44 11.54
C HIS A 175 20.60 12.77 11.78
N TRP A 176 19.98 12.16 12.78
CA TRP A 176 18.57 12.39 13.06
C TRP A 176 18.40 13.22 14.33
N ILE A 177 17.78 14.38 14.19
CA ILE A 177 17.60 15.32 15.29
C ILE A 177 16.13 15.29 15.71
N THR A 178 15.90 14.85 16.96
CA THR A 178 14.61 14.72 17.59
C THR A 178 14.58 15.51 18.90
N PRO A 179 13.45 16.12 19.25
CA PRO A 179 13.34 16.80 20.56
C PRO A 179 13.10 15.85 21.72
N LYS A 180 12.69 14.62 21.46
CA LYS A 180 12.45 13.63 22.50
C LYS A 180 12.86 12.26 21.97
N ASP A 181 12.80 11.25 22.83
CA ASP A 181 13.16 9.91 22.39
C ASP A 181 12.15 9.39 21.38
N PRO A 182 12.61 8.85 20.24
CA PRO A 182 11.72 8.42 19.15
C PRO A 182 10.91 7.15 19.37
N HIS A 183 11.20 6.33 20.39
CA HIS A 183 10.34 5.18 20.72
C HIS A 183 8.93 5.65 21.06
N THR A 184 8.78 6.96 21.30
CA THR A 184 7.52 7.67 21.43
C THR A 184 6.57 7.49 20.24
N LEU A 185 7.11 7.20 19.05
CA LEU A 185 6.30 6.92 17.87
C LEU A 185 6.02 5.41 17.76
N ASP A 186 6.35 4.69 18.84
CA ASP A 186 5.93 3.32 19.22
C ASP A 186 6.09 2.25 18.14
N GLY A 187 7.33 2.09 17.72
CA GLY A 187 7.78 1.06 16.81
C GLY A 187 7.93 1.52 15.39
N HIS A 188 7.31 2.63 15.03
CA HIS A 188 7.41 3.18 13.67
C HIS A 188 8.86 3.54 13.33
N ALA A 189 9.71 3.77 14.33
CA ALA A 189 11.08 4.21 14.09
C ALA A 189 12.12 3.13 14.36
N ASP A 190 11.70 1.90 14.64
CA ASP A 190 12.62 0.84 15.05
C ASP A 190 13.53 0.41 13.91
N GLU A 191 12.97 0.28 12.70
CA GLU A 191 13.76 -0.09 11.52
C GLU A 191 14.81 0.97 11.22
N LEU A 192 14.38 2.23 11.19
CA LEU A 192 15.28 3.34 10.94
C LEU A 192 16.46 3.31 11.89
N LEU A 193 16.18 3.14 13.18
CA LEU A 193 17.23 3.21 14.19
C LEU A 193 18.14 2.00 14.16
N ALA A 194 17.70 0.88 13.56
CA ALA A 194 18.59 -0.27 13.37
C ALA A 194 19.56 -0.07 12.22
N HIS A 195 19.35 0.95 11.39
CA HIS A 195 20.24 1.16 10.25
C HIS A 195 21.62 1.66 10.66
N PRO A 196 22.70 1.06 10.14
CA PRO A 196 24.05 1.44 10.61
C PRO A 196 24.47 2.86 10.20
N SER A 197 23.73 3.49 9.29
CA SER A 197 24.02 4.85 8.85
C SER A 197 23.48 5.91 9.80
N VAL A 198 22.55 5.54 10.66
CA VAL A 198 21.79 6.51 11.43
C VAL A 198 22.50 6.81 12.74
N LYS A 199 22.72 8.09 12.99
CA LYS A 199 23.10 8.58 14.31
C LYS A 199 21.92 9.36 14.86
N LEU A 200 21.45 8.97 16.03
CA LEU A 200 20.32 9.62 16.67
C LEU A 200 20.83 10.67 17.65
N TRP A 201 20.36 11.91 17.45
CA TRP A 201 20.63 13.02 18.35
C TRP A 201 19.30 13.38 18.99
N GLU A 202 18.91 12.56 19.97
CA GLU A 202 17.69 12.74 20.73
C GLU A 202 17.83 13.91 21.70
N LYS A 203 16.70 14.57 21.94
CA LYS A 203 16.60 15.72 22.83
C LYS A 203 17.63 16.80 22.47
N THR A 204 17.80 17.04 21.18
CA THR A 204 18.63 18.14 20.74
C THR A 204 17.86 18.99 19.74
N ARG A 205 18.30 20.24 19.64
CA ARG A 205 17.64 21.27 18.87
C ARG A 205 18.63 21.76 17.83
N LEU A 206 18.14 21.97 16.62
CA LEU A 206 18.92 22.54 15.54
C LEU A 206 18.82 24.06 15.62
N ILE A 207 19.96 24.70 15.90
CA ILE A 207 20.06 26.13 16.09
C ILE A 207 20.26 26.86 14.77
N ARG A 208 20.94 26.20 13.83
CA ARG A 208 21.50 26.88 12.68
C ARG A 208 21.96 25.91 11.62
N ILE A 209 21.78 26.32 10.36
CA ILE A 209 22.33 25.67 9.18
C ILE A 209 23.35 26.61 8.58
N LYS A 210 24.58 26.08 8.31
CA LYS A 210 25.79 26.80 7.94
C LYS A 210 26.24 26.36 6.57
N GLY A 211 27.08 27.15 5.89
CA GLY A 211 27.61 26.71 4.61
C GLY A 211 28.47 27.75 3.95
N GLU A 212 28.77 27.52 2.67
CA GLU A 212 29.54 28.38 1.78
C GLU A 212 28.66 28.71 0.57
N GLU A 213 29.23 29.39 -0.43
CA GLU A 213 28.47 29.65 -1.65
C GLU A 213 28.03 28.35 -2.33
N ALA A 214 28.88 27.32 -2.31
CA ALA A 214 28.53 26.02 -2.90
C ALA A 214 27.35 25.36 -2.19
N GLY A 215 27.21 25.55 -0.88
CA GLY A 215 26.06 25.07 -0.15
C GLY A 215 26.40 24.73 1.30
N VAL A 216 25.48 23.96 1.90
CA VAL A 216 25.56 23.61 3.31
C VAL A 216 26.83 22.81 3.59
N THR A 217 27.50 23.14 4.68
CA THR A 217 28.62 22.37 5.16
C THR A 217 28.43 21.80 6.55
N ALA A 218 27.50 22.35 7.33
CA ALA A 218 27.35 21.93 8.72
C ALA A 218 26.08 22.49 9.32
N VAL A 219 25.70 21.90 10.46
CA VAL A 219 24.64 22.40 11.31
C VAL A 219 25.22 22.63 12.70
N GLU A 220 24.58 23.52 13.44
CA GLU A 220 24.84 23.78 14.85
C GLU A 220 23.66 23.23 15.63
N VAL A 221 23.93 22.29 16.54
CA VAL A 221 22.89 21.73 17.40
C VAL A 221 23.27 21.95 18.87
N ARG A 222 22.25 21.89 19.73
CA ARG A 222 22.46 22.13 21.15
C ARG A 222 21.39 21.42 21.96
N HIS A 223 21.81 20.75 23.03
CA HIS A 223 20.89 20.16 24.01
C HIS A 223 20.21 21.27 24.80
N PRO A 224 18.87 21.29 24.90
CA PRO A 224 18.20 22.37 25.63
C PRO A 224 18.74 22.55 27.04
N GLY A 225 19.09 23.79 27.37
CA GLY A 225 19.63 24.10 28.68
C GLY A 225 21.14 24.01 28.81
N GLU A 226 21.84 23.53 27.77
CA GLU A 226 23.26 23.28 27.95
C GLU A 226 24.10 24.53 27.75
N SER A 227 23.79 25.37 26.75
CA SER A 227 24.45 26.67 26.50
C SER A 227 25.76 26.53 25.72
N ASP A 228 26.13 25.32 25.29
CA ASP A 228 27.27 25.19 24.39
C ASP A 228 26.86 24.29 23.23
N SER A 229 27.21 24.72 22.02
CA SER A 229 26.73 24.12 20.79
C SER A 229 27.72 23.09 20.26
N GLN A 230 27.19 22.18 19.45
CA GLN A 230 27.94 21.10 18.83
C GLN A 230 27.71 21.19 17.33
N GLU A 231 28.79 21.22 16.55
CA GLU A 231 28.71 21.33 15.09
C GLU A 231 28.83 19.96 14.43
N LEU A 232 27.90 19.66 13.54
CA LEU A 232 27.96 18.42 12.77
C LEU A 232 28.10 18.77 11.31
N LEU A 233 29.13 18.23 10.66
CA LEU A 233 29.27 18.48 9.25
C LEU A 233 28.24 17.68 8.48
N ALA A 234 27.67 18.33 7.47
CA ALA A 234 26.59 17.80 6.66
C ALA A 234 26.51 18.62 5.39
N GLU A 235 26.01 17.98 4.34
CA GLU A 235 25.79 18.62 3.06
C GLU A 235 24.32 18.68 2.69
N GLY A 236 23.48 17.90 3.34
CA GLY A 236 22.04 17.95 3.13
C GLY A 236 21.32 18.04 4.45
N VAL A 237 20.30 18.91 4.48
CA VAL A 237 19.46 19.09 5.66
C VAL A 237 18.01 18.97 5.22
N PHE A 238 17.33 17.95 5.72
CA PHE A 238 15.94 17.67 5.36
C PHE A 238 15.07 17.98 6.56
N VAL A 239 14.17 18.96 6.43
CA VAL A 239 13.41 19.52 7.54
C VAL A 239 11.96 19.11 7.43
N TYR A 240 11.45 18.44 8.47
CA TYR A 240 10.11 17.87 8.48
C TYR A 240 9.38 18.28 9.76
N LEU A 241 9.10 19.56 9.89
CA LEU A 241 8.37 20.06 11.04
C LEU A 241 6.97 20.51 10.66
N GLN A 242 6.04 20.31 11.59
CA GLN A 242 4.62 20.56 11.38
C GLN A 242 4.25 21.98 11.80
N GLY A 243 3.37 22.59 11.00
CA GLY A 243 2.94 23.95 11.24
C GLY A 243 1.51 24.22 10.85
N SER A 244 1.22 25.51 10.60
CA SER A 244 -0.13 26.07 10.47
C SER A 244 -0.39 26.65 9.09
N LYS A 245 0.55 26.51 8.17
CA LYS A 245 0.49 27.35 6.99
C LYS A 245 0.23 26.54 5.74
N PRO A 246 -0.47 27.14 4.79
CA PRO A 246 -0.77 26.44 3.52
C PRO A 246 0.50 26.01 2.82
N ILE A 247 0.52 24.76 2.39
CA ILE A 247 1.66 24.18 1.68
C ILE A 247 1.56 24.59 0.23
N THR A 248 2.34 25.61 -0.17
CA THR A 248 2.24 26.23 -1.48
C THR A 248 3.55 26.44 -2.20
N ASP A 249 4.70 26.17 -1.57
CA ASP A 249 5.97 26.54 -2.18
C ASP A 249 6.21 25.79 -3.49
N PHE A 250 5.72 24.55 -3.59
CA PHE A 250 5.89 23.76 -4.82
C PHE A 250 5.18 24.37 -6.01
N VAL A 251 4.26 25.32 -5.77
CA VAL A 251 3.55 26.00 -6.86
C VAL A 251 4.41 27.11 -7.45
N ALA A 252 5.41 27.55 -6.72
CA ALA A 252 6.41 28.49 -7.23
C ALA A 252 5.76 29.76 -7.77
N GLY A 253 4.71 30.23 -7.10
CA GLY A 253 4.13 31.53 -7.39
C GLY A 253 3.30 31.62 -8.65
N GLN A 254 2.87 30.49 -9.20
CA GLN A 254 2.19 30.45 -10.47
C GLN A 254 0.69 30.71 -10.34
N VAL A 255 0.11 30.51 -9.16
CA VAL A 255 -1.25 30.94 -8.87
C VAL A 255 -1.20 32.06 -7.83
N GLU A 256 -2.19 32.95 -7.89
CA GLU A 256 -2.25 34.08 -6.98
C GLU A 256 -2.61 33.64 -5.56
N MET A 257 -1.98 34.28 -4.60
CA MET A 257 -2.25 34.01 -3.20
C MET A 257 -2.89 35.24 -2.57
N LYS A 258 -3.79 34.96 -1.64
CA LYS A 258 -4.35 35.97 -0.78
C LYS A 258 -3.28 36.56 0.13
N PRO A 259 -3.47 37.81 0.57
CA PRO A 259 -2.46 38.40 1.46
C PRO A 259 -2.13 37.49 2.64
N ASP A 260 -3.15 36.79 3.19
CA ASP A 260 -2.97 35.85 4.29
C ASP A 260 -2.11 34.64 3.92
N GLY A 261 -1.84 34.42 2.64
CA GLY A 261 -0.97 33.34 2.20
C GLY A 261 -1.67 32.13 1.65
N GLY A 262 -2.99 32.08 1.74
CA GLY A 262 -3.72 31.00 1.13
C GLY A 262 -3.94 31.23 -0.36
N VAL A 263 -4.26 30.15 -1.07
CA VAL A 263 -4.54 30.23 -2.50
C VAL A 263 -5.86 30.95 -2.73
N TRP A 264 -5.83 31.99 -3.54
CA TRP A 264 -7.05 32.68 -3.96
C TRP A 264 -7.88 31.82 -4.92
N VAL A 265 -9.20 31.81 -4.72
CA VAL A 265 -10.12 31.09 -5.60
C VAL A 265 -11.41 31.89 -5.75
N ASP A 266 -12.13 31.62 -6.85
CA ASP A 266 -13.45 32.18 -7.07
C ASP A 266 -14.51 31.29 -6.44
N GLU A 267 -15.79 31.65 -6.60
CA GLU A 267 -16.85 30.89 -5.95
C GLU A 267 -16.88 29.41 -6.37
N MET A 268 -16.30 29.03 -7.51
CA MET A 268 -16.27 27.63 -7.93
C MET A 268 -14.94 26.95 -7.62
N MET A 269 -14.13 27.56 -6.73
CA MET A 269 -12.87 27.04 -6.20
C MET A 269 -11.75 27.08 -7.22
N GLN A 270 -11.92 27.80 -8.32
CA GLN A 270 -10.87 27.83 -9.31
C GLN A 270 -9.95 29.02 -9.11
N THR A 271 -8.66 28.74 -9.21
CA THR A 271 -7.59 29.71 -9.03
C THR A 271 -7.53 30.72 -10.18
N SER A 272 -6.48 31.56 -10.07
CA SER A 272 -6.08 32.58 -11.03
C SER A 272 -5.73 32.03 -12.39
N VAL A 273 -5.42 30.75 -12.45
CA VAL A 273 -4.96 30.07 -13.65
C VAL A 273 -6.10 29.17 -14.12
N PRO A 274 -6.63 29.38 -15.31
CA PRO A 274 -7.71 28.53 -15.79
C PRO A 274 -7.25 27.08 -15.86
N GLY A 275 -8.15 26.17 -15.48
CA GLY A 275 -7.84 24.77 -15.41
C GLY A 275 -7.23 24.31 -14.11
N VAL A 276 -7.06 25.21 -13.14
CA VAL A 276 -6.43 24.90 -11.86
C VAL A 276 -7.38 25.29 -10.74
N TRP A 277 -7.66 24.34 -9.85
CA TRP A 277 -8.53 24.56 -8.72
C TRP A 277 -7.76 24.43 -7.41
N GLY A 278 -8.27 25.10 -6.39
CA GLY A 278 -7.71 25.06 -5.05
C GLY A 278 -8.81 24.81 -4.03
N ILE A 279 -8.57 23.86 -3.11
CA ILE A 279 -9.61 23.39 -2.21
C ILE A 279 -9.02 23.04 -0.85
N GLY A 280 -9.86 23.18 0.18
CA GLY A 280 -9.43 22.79 1.51
C GLY A 280 -8.53 23.84 2.15
N ASP A 281 -7.70 23.38 3.08
CA ASP A 281 -7.01 24.31 3.96
C ASP A 281 -5.83 25.01 3.28
N ILE A 282 -5.41 24.56 2.09
CA ILE A 282 -4.47 25.34 1.28
C ILE A 282 -4.99 26.74 1.01
N ARG A 283 -6.32 26.92 1.05
CA ARG A 283 -6.94 28.23 0.87
C ARG A 283 -6.78 29.13 2.09
N ASN A 284 -6.54 28.55 3.26
CA ASN A 284 -6.29 29.29 4.49
C ASN A 284 -7.47 30.18 4.88
N THR A 285 -8.67 29.63 4.84
CA THR A 285 -9.82 30.28 5.47
C THR A 285 -9.79 29.99 6.96
N PRO A 286 -10.53 30.75 7.77
CA PRO A 286 -10.60 30.43 9.20
C PRO A 286 -11.39 29.16 9.50
N PHE A 287 -12.08 28.63 8.50
CA PHE A 287 -13.00 27.50 8.68
C PHE A 287 -12.30 26.19 8.39
N LYS A 288 -11.26 25.91 9.17
CA LYS A 288 -10.46 24.69 9.02
C LYS A 288 -11.15 23.56 9.75
N GLN A 289 -12.10 22.92 9.06
CA GLN A 289 -12.79 21.74 9.55
C GLN A 289 -12.92 20.77 8.39
N ALA A 290 -12.97 19.47 8.72
CA ALA A 290 -12.90 18.43 7.69
C ALA A 290 -14.07 18.48 6.73
N VAL A 291 -15.28 18.70 7.24
CA VAL A 291 -16.47 18.70 6.37
C VAL A 291 -16.47 19.93 5.47
N VAL A 292 -15.85 21.01 5.91
CA VAL A 292 -15.72 22.20 5.06
C VAL A 292 -14.74 21.92 3.94
N ALA A 293 -13.61 21.30 4.28
CA ALA A 293 -12.62 20.90 3.30
C ALA A 293 -13.24 19.96 2.27
N ALA A 294 -13.94 18.93 2.75
CA ALA A 294 -14.61 17.99 1.85
C ALA A 294 -15.59 18.72 0.94
N GLY A 295 -16.32 19.69 1.48
CA GLY A 295 -17.22 20.49 0.67
C GLY A 295 -16.54 21.21 -0.47
N ASP A 296 -15.39 21.84 -0.18
CA ASP A 296 -14.62 22.49 -1.23
C ASP A 296 -14.35 21.51 -2.36
N GLY A 297 -13.93 20.31 -2.00
CA GLY A 297 -13.53 19.32 -2.99
C GLY A 297 -14.69 18.94 -3.89
N CYS A 298 -15.89 18.83 -3.32
CA CYS A 298 -17.07 18.49 -4.08
C CYS A 298 -17.39 19.59 -5.08
N ILE A 299 -17.37 20.84 -4.62
CA ILE A 299 -17.65 21.97 -5.50
C ILE A 299 -16.70 21.97 -6.68
N ALA A 300 -15.39 21.80 -6.41
CA ALA A 300 -14.40 21.85 -7.48
C ALA A 300 -14.62 20.72 -8.47
N ALA A 301 -14.87 19.51 -7.96
CA ALA A 301 -15.16 18.36 -8.82
C ALA A 301 -16.28 18.64 -9.79
N MET A 302 -17.33 19.33 -9.33
CA MET A 302 -18.49 19.56 -10.18
C MET A 302 -18.21 20.69 -11.17
N ALA A 303 -17.47 21.72 -10.75
CA ALA A 303 -17.00 22.73 -11.69
C ALA A 303 -16.08 22.12 -12.75
N ILE A 304 -15.24 21.16 -12.34
CA ILE A 304 -14.31 20.50 -13.24
C ILE A 304 -15.06 19.67 -14.26
N ASP A 305 -16.03 18.87 -13.80
CA ASP A 305 -16.86 18.10 -14.71
C ASP A 305 -17.52 19.01 -15.75
N ARG A 306 -18.02 20.17 -15.33
CA ARG A 306 -18.62 21.07 -16.31
C ARG A 306 -17.60 21.53 -17.34
N PHE A 307 -16.39 21.85 -16.87
CA PHE A 307 -15.31 22.36 -17.70
C PHE A 307 -14.84 21.32 -18.71
N LEU A 308 -14.52 20.12 -18.22
CA LEU A 308 -13.93 19.08 -19.03
C LEU A 308 -14.91 18.41 -19.99
N ASN A 309 -16.21 18.49 -19.73
CA ASN A 309 -17.13 17.95 -20.73
C ASN A 309 -17.93 19.05 -21.41
N SER A 310 -17.53 20.31 -21.20
CA SER A 310 -18.13 21.46 -21.89
C SER A 310 -19.64 21.47 -21.73
N ARG A 311 -20.08 21.31 -20.48
CA ARG A 311 -21.51 21.24 -20.19
C ARG A 311 -22.13 22.64 -20.18
N LYS A 312 -23.46 22.65 -20.33
CA LYS A 312 -24.22 23.90 -20.32
C LYS A 312 -24.41 24.43 -18.91
N ALA A 313 -24.40 23.54 -17.93
CA ALA A 313 -24.66 23.88 -16.55
C ALA A 313 -23.94 22.90 -15.64
N ILE A 314 -23.84 23.27 -14.36
CA ILE A 314 -23.34 22.33 -13.36
C ILE A 314 -24.29 21.16 -13.27
N LYS A 315 -23.75 19.93 -13.28
CA LYS A 315 -24.61 18.76 -13.23
C LYS A 315 -24.55 18.12 -11.85
N PRO A 316 -25.68 18.00 -11.15
CA PRO A 316 -25.68 17.38 -9.83
C PRO A 316 -25.45 15.88 -9.93
N ASP A 317 -24.87 15.33 -8.86
CA ASP A 317 -24.63 13.90 -8.70
C ASP A 317 -25.59 13.38 -7.63
N TRP A 318 -26.78 12.99 -8.05
CA TRP A 318 -27.84 12.46 -7.18
C TRP A 318 -28.03 10.96 -7.46
N ALA A 319 -28.63 10.26 -6.49
CA ALA A 319 -28.85 8.83 -6.63
C ALA A 319 -29.90 8.53 -7.70
N HIS A 320 -29.63 7.49 -8.52
CA HIS A 320 -30.53 7.11 -9.61
C HIS A 320 -31.56 6.08 -9.16
N GLN B 6 -30.66 -15.51 -7.95
CA GLN B 6 -29.59 -14.97 -7.12
C GLN B 6 -28.72 -16.11 -6.53
N PHE B 7 -29.32 -17.21 -6.07
CA PHE B 7 -28.51 -18.32 -5.53
C PHE B 7 -28.74 -19.70 -6.16
N ASP B 8 -29.92 -19.94 -6.72
CA ASP B 8 -30.21 -21.20 -7.40
C ASP B 8 -29.97 -21.06 -8.90
N PHE B 9 -29.08 -21.89 -9.44
CA PHE B 9 -28.69 -21.84 -10.84
C PHE B 9 -28.79 -23.22 -11.47
N ASP B 10 -28.89 -23.22 -12.80
CA ASP B 10 -28.73 -24.46 -13.55
C ASP B 10 -27.29 -24.94 -13.47
N VAL B 11 -26.34 -24.04 -13.67
CA VAL B 11 -24.93 -24.33 -13.72
C VAL B 11 -24.19 -23.40 -12.78
N VAL B 12 -23.38 -23.97 -11.90
CA VAL B 12 -22.44 -23.22 -11.07
C VAL B 12 -21.03 -23.58 -11.52
N ILE B 13 -20.27 -22.57 -11.90
CA ILE B 13 -18.88 -22.74 -12.34
C ILE B 13 -17.99 -22.10 -11.29
N VAL B 14 -17.08 -22.90 -10.75
CA VAL B 14 -16.13 -22.43 -9.74
C VAL B 14 -14.83 -22.10 -10.45
N GLY B 15 -14.55 -20.81 -10.60
CA GLY B 15 -13.33 -20.35 -11.23
C GLY B 15 -13.58 -19.67 -12.55
N GLY B 16 -13.04 -18.46 -12.73
CA GLY B 16 -13.28 -17.68 -13.94
C GLY B 16 -12.06 -17.44 -14.80
N GLY B 17 -11.26 -18.47 -15.01
CA GLY B 17 -10.20 -18.43 -15.99
C GLY B 17 -10.76 -18.71 -17.37
N PRO B 18 -9.89 -18.96 -18.35
CA PRO B 18 -10.40 -19.28 -19.70
C PRO B 18 -11.26 -20.53 -19.73
N ALA B 19 -11.00 -21.50 -18.84
CA ALA B 19 -11.83 -22.70 -18.80
C ALA B 19 -13.25 -22.38 -18.35
N GLY B 20 -13.37 -21.71 -17.21
CA GLY B 20 -14.68 -21.37 -16.70
C GLY B 20 -15.43 -20.37 -17.55
N CYS B 21 -14.74 -19.33 -18.04
CA CYS B 21 -15.41 -18.34 -18.86
C CYS B 21 -15.95 -18.95 -20.15
N THR B 22 -15.20 -19.90 -20.71
CA THR B 22 -15.63 -20.54 -21.95
C THR B 22 -16.81 -21.47 -21.69
N CYS B 23 -16.74 -22.26 -20.63
CA CYS B 23 -17.86 -23.11 -20.23
C CYS B 23 -19.13 -22.29 -20.07
N ALA B 24 -19.02 -21.12 -19.44
CA ALA B 24 -20.17 -20.26 -19.20
C ALA B 24 -20.69 -19.67 -20.49
N LEU B 25 -19.80 -19.23 -21.37
CA LEU B 25 -20.19 -18.77 -22.68
C LEU B 25 -21.16 -19.75 -23.33
N TYR B 26 -20.81 -21.04 -23.31
CA TYR B 26 -21.60 -22.04 -24.01
C TYR B 26 -22.87 -22.40 -23.25
N THR B 27 -22.81 -22.53 -21.93
CA THR B 27 -24.01 -22.87 -21.16
C THR B 27 -25.00 -21.72 -21.16
N ALA B 28 -24.53 -20.48 -21.11
CA ALA B 28 -25.42 -19.33 -21.15
C ALA B 28 -26.11 -19.22 -22.50
N ARG B 29 -25.40 -19.54 -23.59
CA ARG B 29 -26.00 -19.56 -24.92
C ARG B 29 -27.04 -20.66 -25.06
N SER B 30 -26.95 -21.74 -24.28
CA SER B 30 -27.92 -22.84 -24.23
C SER B 30 -29.16 -22.55 -23.37
N GLU B 31 -29.26 -21.28 -22.92
CA GLU B 31 -30.23 -20.61 -21.97
C GLU B 31 -30.36 -21.34 -20.63
N LEU B 32 -29.26 -21.93 -20.23
CA LEU B 32 -29.03 -22.41 -18.88
C LEU B 32 -28.58 -21.25 -17.98
N LYS B 33 -29.26 -21.10 -16.85
CA LYS B 33 -28.94 -20.07 -15.85
C LYS B 33 -27.59 -20.41 -15.23
N THR B 34 -26.60 -19.54 -15.45
CA THR B 34 -25.21 -19.86 -15.17
C THR B 34 -24.58 -18.78 -14.29
N VAL B 35 -23.78 -19.23 -13.32
CA VAL B 35 -23.00 -18.33 -12.48
C VAL B 35 -21.55 -18.79 -12.50
N ILE B 36 -20.64 -17.82 -12.56
CA ILE B 36 -19.23 -18.01 -12.28
C ILE B 36 -18.95 -17.45 -10.90
N LEU B 37 -18.39 -18.28 -10.03
CA LEU B 37 -17.88 -17.87 -8.73
C LEU B 37 -16.37 -17.78 -8.88
N ASP B 38 -15.85 -16.56 -8.91
CA ASP B 38 -14.44 -16.28 -9.20
C ASP B 38 -13.83 -15.59 -7.99
N LYS B 39 -12.91 -16.30 -7.33
CA LYS B 39 -12.20 -15.78 -6.17
C LYS B 39 -11.61 -14.40 -6.45
N ASN B 40 -10.83 -14.29 -7.51
CA ASN B 40 -10.10 -13.09 -7.86
C ASN B 40 -9.75 -13.17 -9.33
N PRO B 41 -10.26 -12.25 -10.15
CA PRO B 41 -9.99 -12.31 -11.60
C PRO B 41 -8.53 -12.11 -11.95
N ALA B 42 -7.76 -11.47 -11.07
CA ALA B 42 -6.35 -11.23 -11.32
C ALA B 42 -5.45 -12.38 -10.86
N ALA B 43 -6.01 -13.47 -10.31
CA ALA B 43 -5.21 -14.49 -9.65
C ALA B 43 -5.04 -15.78 -10.45
N GLY B 44 -5.68 -15.89 -11.62
CA GLY B 44 -5.52 -17.08 -12.44
C GLY B 44 -4.29 -17.00 -13.32
N ALA B 45 -3.91 -18.15 -13.86
CA ALA B 45 -2.68 -18.25 -14.64
C ALA B 45 -2.72 -17.31 -15.84
N LEU B 46 -3.80 -17.36 -16.62
CA LEU B 46 -3.90 -16.48 -17.79
C LEU B 46 -3.87 -15.02 -17.37
N ALA B 47 -4.52 -14.70 -16.26
CA ALA B 47 -4.59 -13.32 -15.81
C ALA B 47 -3.21 -12.76 -15.50
N ILE B 48 -2.27 -13.60 -15.04
CA ILE B 48 -0.95 -13.12 -14.68
C ILE B 48 0.06 -13.21 -15.81
N THR B 49 -0.31 -13.73 -16.98
CA THR B 49 0.58 -13.72 -18.14
C THR B 49 0.72 -12.28 -18.64
N HIS B 50 1.95 -11.78 -18.75
CA HIS B 50 2.12 -10.38 -19.15
C HIS B 50 1.84 -10.20 -20.63
N LYS B 51 2.15 -11.20 -21.46
CA LYS B 51 1.90 -11.19 -22.90
C LYS B 51 1.53 -12.59 -23.33
N ILE B 52 0.53 -12.74 -24.20
CA ILE B 52 0.22 -14.03 -24.79
C ILE B 52 0.15 -13.86 -26.30
N ALA B 53 0.95 -14.65 -27.02
CA ALA B 53 1.10 -14.53 -28.46
C ALA B 53 0.78 -15.82 -29.19
N ASN B 54 0.30 -16.83 -28.48
CA ASN B 54 0.00 -18.15 -29.04
C ASN B 54 -1.45 -18.54 -28.80
N TYR B 55 -2.32 -17.57 -28.54
CA TYR B 55 -3.74 -17.89 -28.48
C TYR B 55 -4.31 -17.71 -29.87
N PRO B 56 -4.77 -18.78 -30.52
CA PRO B 56 -5.20 -18.68 -31.92
C PRO B 56 -6.45 -17.84 -32.05
N GLY B 57 -6.43 -16.94 -33.03
CA GLY B 57 -7.53 -16.03 -33.25
C GLY B 57 -7.32 -14.67 -32.65
N VAL B 58 -6.30 -14.52 -31.81
CA VAL B 58 -6.00 -13.28 -31.12
C VAL B 58 -4.57 -12.86 -31.47
N PRO B 59 -4.40 -12.03 -32.49
CA PRO B 59 -3.07 -11.67 -32.98
C PRO B 59 -2.47 -10.50 -32.21
N GLY B 60 -1.22 -10.16 -32.53
CA GLY B 60 -0.57 -8.97 -32.03
C GLY B 60 -0.25 -9.00 -30.55
N GLU B 61 -0.13 -7.78 -30.00
CA GLU B 61 0.20 -7.57 -28.60
C GLU B 61 -1.04 -7.73 -27.75
N MET B 62 -1.02 -8.70 -26.84
CA MET B 62 -2.18 -8.93 -25.99
C MET B 62 -1.69 -9.46 -24.65
N SER B 63 -2.16 -8.84 -23.57
CA SER B 63 -1.86 -9.31 -22.24
C SER B 63 -2.91 -10.31 -21.79
N GLY B 64 -2.50 -11.22 -20.91
CA GLY B 64 -3.38 -12.30 -20.53
C GLY B 64 -4.66 -11.81 -19.87
N ASP B 65 -4.55 -10.77 -19.04
CA ASP B 65 -5.72 -10.29 -18.32
C ASP B 65 -6.68 -9.54 -19.25
N HIS B 66 -6.17 -8.94 -20.33
CA HIS B 66 -7.04 -8.36 -21.36
C HIS B 66 -7.79 -9.46 -22.09
N LEU B 67 -7.10 -10.56 -22.40
CA LEU B 67 -7.74 -11.66 -23.10
C LEU B 67 -8.82 -12.28 -22.23
N LEU B 68 -8.51 -12.50 -20.96
CA LEU B 68 -9.51 -13.04 -20.03
C LEU B 68 -10.71 -12.12 -19.93
N GLU B 69 -10.48 -10.80 -19.92
CA GLU B 69 -11.58 -9.85 -19.80
C GLU B 69 -12.55 -9.98 -20.96
N VAL B 70 -12.00 -10.17 -22.16
CA VAL B 70 -12.82 -10.36 -23.35
C VAL B 70 -13.68 -11.61 -23.21
N MET B 71 -13.09 -12.71 -22.71
CA MET B 71 -13.87 -13.94 -22.58
C MET B 71 -14.92 -13.81 -21.50
N ARG B 72 -14.56 -13.19 -20.37
CA ARG B 72 -15.52 -12.93 -19.33
C ARG B 72 -16.67 -12.07 -19.86
N ASP B 73 -16.33 -11.00 -20.56
CA ASP B 73 -17.37 -10.13 -21.14
C ASP B 73 -18.26 -10.90 -22.10
N GLN B 74 -17.69 -11.81 -22.89
CA GLN B 74 -18.49 -12.66 -23.77
C GLN B 74 -19.50 -13.47 -22.96
N ALA B 75 -19.02 -14.20 -21.95
CA ALA B 75 -19.90 -15.03 -21.13
C ALA B 75 -21.04 -14.21 -20.54
N VAL B 76 -20.75 -12.98 -20.09
CA VAL B 76 -21.76 -12.13 -19.46
C VAL B 76 -22.72 -11.57 -20.50
N GLU B 77 -22.22 -11.25 -21.67
CA GLU B 77 -23.08 -10.73 -22.74
C GLU B 77 -24.19 -11.70 -23.06
N PHE B 78 -23.94 -13.00 -22.91
CA PHE B 78 -24.92 -14.02 -23.21
C PHE B 78 -25.68 -14.51 -21.98
N GLY B 79 -25.49 -13.86 -20.83
CA GLY B 79 -26.38 -14.04 -19.70
C GLY B 79 -25.74 -14.59 -18.44
N THR B 80 -24.45 -14.92 -18.47
CA THR B 80 -23.78 -15.40 -17.28
C THR B 80 -23.80 -14.36 -16.17
N VAL B 81 -24.03 -14.82 -14.94
CA VAL B 81 -23.87 -14.00 -13.75
C VAL B 81 -22.44 -14.23 -13.26
N TYR B 82 -21.63 -13.18 -13.28
CA TYR B 82 -20.27 -13.23 -12.77
C TYR B 82 -20.25 -12.66 -11.36
N ARG B 83 -19.78 -13.46 -10.40
CA ARG B 83 -19.67 -13.04 -9.00
C ARG B 83 -18.25 -13.25 -8.49
N ARG B 84 -17.76 -12.24 -7.77
CA ARG B 84 -16.53 -12.35 -7.00
C ARG B 84 -16.87 -13.13 -5.73
N ALA B 85 -16.40 -14.36 -5.64
CA ALA B 85 -16.80 -15.20 -4.52
C ALA B 85 -15.84 -16.37 -4.44
N GLN B 86 -15.23 -16.53 -3.28
CA GLN B 86 -14.29 -17.62 -3.06
C GLN B 86 -15.07 -18.80 -2.52
N VAL B 87 -14.96 -19.93 -3.17
CA VAL B 87 -15.62 -21.15 -2.72
C VAL B 87 -14.72 -21.83 -1.71
N TYR B 88 -15.26 -22.12 -0.53
CA TYR B 88 -14.49 -22.80 0.51
C TYR B 88 -14.96 -24.23 0.76
N GLY B 89 -16.06 -24.65 0.15
CA GLY B 89 -16.52 -26.01 0.34
C GLY B 89 -17.68 -26.35 -0.57
N LEU B 90 -17.97 -27.66 -0.60
CA LEU B 90 -18.98 -28.23 -1.49
C LEU B 90 -19.72 -29.36 -0.79
N ASP B 91 -21.02 -29.48 -1.05
CA ASP B 91 -21.79 -30.66 -0.66
C ASP B 91 -22.31 -31.31 -1.94
N LEU B 92 -21.76 -32.49 -2.26
CA LEU B 92 -21.99 -33.22 -3.50
C LEU B 92 -22.82 -34.48 -3.28
N SER B 93 -23.49 -34.55 -2.12
CA SER B 93 -24.22 -35.69 -1.59
C SER B 93 -25.55 -35.93 -2.28
N GLU B 94 -26.09 -34.92 -2.94
CA GLU B 94 -27.41 -34.96 -3.51
C GLU B 94 -27.38 -34.41 -4.93
N PRO B 95 -28.43 -34.65 -5.71
CA PRO B 95 -28.43 -34.23 -7.13
C PRO B 95 -28.23 -32.74 -7.31
N VAL B 96 -28.82 -31.92 -6.44
CA VAL B 96 -28.51 -30.50 -6.42
C VAL B 96 -27.23 -30.32 -5.62
N LYS B 97 -26.21 -29.77 -6.27
CA LYS B 97 -24.92 -29.53 -5.66
C LYS B 97 -24.96 -28.20 -4.93
N LYS B 98 -24.39 -28.17 -3.72
CA LYS B 98 -24.36 -26.99 -2.89
C LYS B 98 -22.93 -26.47 -2.84
N VAL B 99 -22.76 -25.17 -3.06
CA VAL B 99 -21.45 -24.54 -3.17
C VAL B 99 -21.36 -23.44 -2.12
N TYR B 100 -20.50 -23.63 -1.14
CA TYR B 100 -20.41 -22.69 -0.02
C TYR B 100 -19.40 -21.58 -0.26
N THR B 101 -19.87 -20.35 -0.16
CA THR B 101 -19.07 -19.13 -0.19
C THR B 101 -19.48 -18.18 0.93
N PRO B 102 -18.62 -17.20 1.24
CA PRO B 102 -19.02 -16.12 2.18
C PRO B 102 -20.16 -15.27 1.68
N GLU B 103 -20.29 -15.12 0.36
CA GLU B 103 -21.37 -14.41 -0.29
C GLU B 103 -22.69 -15.18 -0.24
N GLY B 104 -22.66 -16.41 0.27
CA GLY B 104 -23.84 -17.25 0.39
C GLY B 104 -23.60 -18.63 -0.17
N ILE B 105 -24.65 -19.44 -0.12
CA ILE B 105 -24.64 -20.79 -0.67
C ILE B 105 -25.34 -20.78 -2.01
N PHE B 106 -24.60 -21.20 -3.04
CA PHE B 106 -25.10 -21.32 -4.39
C PHE B 106 -25.42 -22.76 -4.70
N THR B 107 -26.50 -22.98 -5.44
CA THR B 107 -26.88 -24.34 -5.82
C THR B 107 -26.90 -24.47 -7.34
N GLY B 108 -26.45 -25.62 -7.81
CA GLY B 108 -26.51 -25.94 -9.23
C GLY B 108 -26.97 -27.37 -9.47
N ARG B 109 -27.70 -27.53 -10.58
CA ARG B 109 -28.01 -28.86 -11.09
C ARG B 109 -26.79 -29.51 -11.72
N ALA B 110 -25.85 -28.70 -12.17
CA ALA B 110 -24.54 -29.13 -12.61
C ALA B 110 -23.48 -28.21 -12.00
N LEU B 111 -22.34 -28.79 -11.65
CA LEU B 111 -21.25 -28.06 -11.04
C LEU B 111 -19.99 -28.25 -11.87
N VAL B 112 -19.26 -27.17 -12.11
CA VAL B 112 -18.02 -27.21 -12.87
C VAL B 112 -16.89 -26.70 -12.00
N LEU B 113 -15.86 -27.52 -11.84
CA LEU B 113 -14.64 -27.18 -11.10
C LEU B 113 -13.61 -26.67 -12.08
N ALA B 114 -13.21 -25.40 -11.93
CA ALA B 114 -12.40 -24.72 -12.93
C ALA B 114 -11.43 -23.75 -12.27
N THR B 115 -10.72 -24.24 -11.24
CA THR B 115 -9.93 -23.42 -10.35
C THR B 115 -8.46 -23.37 -10.72
N GLY B 116 -8.03 -24.16 -11.69
CA GLY B 116 -6.69 -24.01 -12.24
C GLY B 116 -5.65 -24.68 -11.37
N ALA B 117 -4.39 -24.30 -11.63
CA ALA B 117 -3.26 -24.88 -10.93
C ALA B 117 -2.24 -23.81 -10.53
N MET B 118 -2.73 -22.76 -9.86
CA MET B 118 -1.92 -21.73 -9.23
C MET B 118 -1.70 -22.00 -7.74
N GLY B 119 -2.00 -23.23 -7.30
CA GLY B 119 -1.88 -23.59 -5.90
C GLY B 119 -0.51 -24.12 -5.52
N ARG B 120 -0.12 -23.83 -4.27
CA ARG B 120 1.16 -24.17 -3.63
C ARG B 120 0.95 -25.18 -2.50
N ILE B 121 1.74 -26.27 -2.43
CA ILE B 121 1.63 -27.11 -1.22
C ILE B 121 2.20 -26.32 -0.03
N ALA B 122 1.56 -26.50 1.15
CA ALA B 122 2.04 -25.82 2.36
C ALA B 122 3.52 -26.08 2.55
N SER B 123 4.27 -24.99 2.62
CA SER B 123 5.71 -24.87 2.45
C SER B 123 6.45 -24.41 3.69
N ILE B 124 5.74 -23.79 4.63
CA ILE B 124 6.33 -23.04 5.73
C ILE B 124 6.13 -23.84 7.00
N PRO B 125 7.16 -24.04 7.81
CA PRO B 125 6.98 -24.71 9.11
C PRO B 125 5.84 -24.13 9.95
N GLY B 126 4.89 -24.99 10.33
CA GLY B 126 3.72 -24.61 11.10
C GLY B 126 2.48 -24.33 10.28
N GLU B 127 2.62 -24.13 8.97
CA GLU B 127 1.50 -23.81 8.10
C GLU B 127 0.49 -24.94 8.06
N ALA B 128 0.95 -26.14 7.69
CA ALA B 128 0.11 -27.31 7.77
C ALA B 128 -0.25 -27.59 9.19
N GLU B 129 0.65 -27.32 10.14
CA GLU B 129 0.23 -27.72 11.45
C GLU B 129 -0.85 -26.79 11.99
N TYR B 130 -0.92 -25.50 11.62
CA TYR B 130 -1.99 -24.72 12.26
C TYR B 130 -3.15 -24.35 11.33
N LEU B 131 -3.36 -25.12 10.27
CA LEU B 131 -4.51 -24.87 9.42
C LEU B 131 -5.81 -25.16 10.16
N GLY B 132 -6.78 -24.26 10.01
CA GLY B 132 -7.99 -24.25 10.78
C GLY B 132 -7.82 -23.82 12.22
N ARG B 133 -6.63 -23.33 12.57
CA ARG B 133 -6.30 -22.90 13.93
C ARG B 133 -5.51 -21.60 13.90
N GLY B 134 -5.81 -20.73 12.94
CA GLY B 134 -5.08 -19.47 12.75
C GLY B 134 -4.52 -19.31 11.35
N VAL B 135 -4.24 -20.41 10.67
CA VAL B 135 -3.75 -20.38 9.29
C VAL B 135 -4.94 -20.54 8.35
N SER B 136 -5.02 -19.67 7.34
CA SER B 136 -6.19 -19.57 6.49
C SER B 136 -5.78 -19.10 5.10
N TYR B 137 -6.61 -19.44 4.11
CA TYR B 137 -6.41 -19.03 2.73
C TYR B 137 -7.60 -18.25 2.20
N CYS B 138 -8.50 -17.80 3.07
CA CYS B 138 -9.73 -17.12 2.66
CA CYS B 138 -9.70 -17.09 2.65
C CYS B 138 -10.05 -16.03 3.69
N ALA B 139 -9.78 -14.77 3.32
CA ALA B 139 -10.03 -13.64 4.21
C ALA B 139 -11.51 -13.28 4.30
N THR B 140 -12.27 -13.46 3.22
CA THR B 140 -13.70 -13.18 3.28
C THR B 140 -14.42 -14.25 4.10
N CYS B 141 -13.81 -15.42 4.24
CA CYS B 141 -14.34 -16.50 5.08
CA CYS B 141 -14.38 -16.47 5.08
C CYS B 141 -14.05 -16.24 6.55
N ASP B 142 -12.78 -16.01 6.89
CA ASP B 142 -12.32 -15.99 8.27
C ASP B 142 -12.01 -14.60 8.84
N GLY B 143 -12.09 -13.54 8.04
CA GLY B 143 -11.63 -12.23 8.51
C GLY B 143 -12.36 -11.71 9.73
N ALA B 144 -13.69 -11.92 9.78
CA ALA B 144 -14.50 -11.42 10.87
C ALA B 144 -14.04 -11.94 12.24
N PHE B 145 -13.45 -13.14 12.27
CA PHE B 145 -12.97 -13.70 13.52
C PHE B 145 -11.68 -13.05 14.01
N TYR B 146 -11.11 -12.11 13.26
CA TYR B 146 -9.89 -11.42 13.66
C TYR B 146 -10.14 -9.95 13.93
N ARG B 147 -11.37 -9.62 14.33
CA ARG B 147 -11.68 -8.27 14.77
C ARG B 147 -10.81 -7.92 15.97
N ASN B 148 -10.09 -6.81 15.82
CA ASN B 148 -9.19 -6.25 16.82
C ASN B 148 -8.08 -7.22 17.22
N ARG B 149 -7.61 -8.01 16.25
CA ARG B 149 -6.51 -8.95 16.44
C ARG B 149 -5.43 -8.71 15.40
N GLU B 150 -4.23 -9.23 15.70
CA GLU B 150 -3.07 -9.07 14.84
C GLU B 150 -3.07 -10.19 13.81
N VAL B 151 -2.87 -9.83 12.53
CA VAL B 151 -2.81 -10.82 11.47
C VAL B 151 -1.65 -10.55 10.53
N VAL B 152 -1.28 -11.61 9.81
CA VAL B 152 -0.18 -11.61 8.86
C VAL B 152 -0.70 -12.04 7.50
N VAL B 153 -0.29 -11.30 6.47
CA VAL B 153 -0.54 -11.66 5.08
C VAL B 153 0.80 -11.94 4.43
N VAL B 154 0.92 -13.08 3.76
CA VAL B 154 2.15 -13.44 3.05
C VAL B 154 1.86 -13.45 1.56
N GLY B 155 2.67 -12.71 0.80
CA GLY B 155 2.67 -12.80 -0.65
C GLY B 155 2.56 -11.43 -1.27
N LEU B 156 3.14 -11.28 -2.46
CA LEU B 156 3.03 -10.06 -3.24
C LEU B 156 2.47 -10.46 -4.60
N ASN B 157 1.17 -10.28 -4.74
CA ASN B 157 0.41 -10.62 -5.93
C ASN B 157 -0.96 -9.99 -5.73
N PRO B 158 -1.79 -9.91 -6.77
CA PRO B 158 -3.09 -9.22 -6.61
C PRO B 158 -4.03 -9.88 -5.60
N GLU B 159 -3.99 -11.21 -5.44
CA GLU B 159 -4.80 -11.85 -4.40
C GLU B 159 -4.39 -11.36 -3.02
N ALA B 160 -3.09 -11.42 -2.72
CA ALA B 160 -2.59 -10.94 -1.42
C ALA B 160 -3.05 -9.51 -1.15
N VAL B 161 -2.98 -8.65 -2.17
CA VAL B 161 -3.36 -7.26 -1.97
C VAL B 161 -4.86 -7.13 -1.67
N GLU B 162 -5.69 -7.88 -2.40
CA GLU B 162 -7.14 -7.78 -2.22
C GLU B 162 -7.55 -8.35 -0.87
N GLU B 163 -6.92 -9.45 -0.47
CA GLU B 163 -7.24 -10.10 0.80
C GLU B 163 -6.76 -9.27 1.98
N ALA B 164 -5.63 -8.59 1.84
CA ALA B 164 -5.15 -7.70 2.89
C ALA B 164 -6.12 -6.54 3.09
N GLN B 165 -6.66 -6.01 2.00
CA GLN B 165 -7.66 -4.96 2.10
C GLN B 165 -8.87 -5.44 2.88
N VAL B 166 -9.32 -6.66 2.63
CA VAL B 166 -10.40 -7.25 3.41
C VAL B 166 -10.05 -7.25 4.88
N LEU B 167 -8.85 -7.72 5.23
CA LEU B 167 -8.54 -7.86 6.65
C LEU B 167 -8.36 -6.50 7.34
N THR B 168 -8.06 -5.42 6.60
CA THR B 168 -7.98 -4.12 7.27
C THR B 168 -9.31 -3.65 7.80
N LYS B 169 -10.41 -4.29 7.46
CA LYS B 169 -11.65 -3.88 8.06
C LYS B 169 -11.91 -4.58 9.40
N PHE B 170 -11.05 -5.51 9.81
CA PHE B 170 -11.25 -6.20 11.09
C PHE B 170 -10.03 -6.13 12.02
N ALA B 171 -8.86 -6.39 11.46
CA ALA B 171 -7.67 -6.54 12.27
C ALA B 171 -7.19 -5.19 12.83
N SER B 172 -6.60 -5.34 14.04
CA SER B 172 -5.81 -4.31 14.74
C SER B 172 -4.67 -3.83 13.92
N THR B 173 -3.94 -4.77 13.36
CA THR B 173 -2.75 -4.62 12.56
C THR B 173 -2.74 -5.73 11.52
N VAL B 174 -2.39 -5.34 10.31
CA VAL B 174 -2.18 -6.23 9.18
C VAL B 174 -0.69 -6.18 8.86
N HIS B 175 0.05 -7.20 9.28
CA HIS B 175 1.46 -7.35 8.92
C HIS B 175 1.57 -7.92 7.51
N TRP B 176 2.18 -7.18 6.59
CA TRP B 176 2.29 -7.64 5.22
C TRP B 176 3.72 -8.02 4.88
N ILE B 177 3.91 -9.28 4.52
CA ILE B 177 5.23 -9.84 4.26
C ILE B 177 5.37 -10.07 2.76
N THR B 178 6.30 -9.35 2.14
CA THR B 178 6.57 -9.45 0.71
C THR B 178 8.05 -9.70 0.48
N PRO B 179 8.39 -10.52 -0.52
CA PRO B 179 9.81 -10.75 -0.87
C PRO B 179 10.45 -9.64 -1.70
N LYS B 180 9.65 -8.76 -2.29
CA LYS B 180 10.08 -7.64 -3.11
C LYS B 180 9.45 -6.39 -2.49
N ASP B 181 9.98 -5.21 -2.84
CA ASP B 181 9.36 -3.96 -2.39
C ASP B 181 8.01 -3.76 -3.10
N PRO B 182 6.97 -3.27 -2.42
CA PRO B 182 5.66 -3.06 -3.09
C PRO B 182 5.67 -2.00 -4.20
N HIS B 183 6.76 -1.23 -4.28
CA HIS B 183 7.07 -0.34 -5.39
C HIS B 183 7.11 -1.09 -6.73
N THR B 184 7.47 -2.36 -6.65
CA THR B 184 7.45 -3.37 -7.71
C THR B 184 6.08 -3.62 -8.34
N LEU B 185 4.97 -3.18 -7.77
CA LEU B 185 3.71 -3.25 -8.51
C LEU B 185 3.30 -1.90 -9.12
N ASP B 186 4.24 -0.93 -9.10
CA ASP B 186 4.11 0.41 -9.71
C ASP B 186 2.89 1.14 -9.23
N GLY B 187 2.70 1.15 -7.90
CA GLY B 187 1.64 1.92 -7.30
C GLY B 187 0.36 1.14 -7.08
N HIS B 188 0.26 -0.08 -7.61
CA HIS B 188 -0.95 -0.88 -7.47
C HIS B 188 -1.28 -1.17 -6.01
N ALA B 189 -0.31 -1.05 -5.11
CA ALA B 189 -0.48 -1.33 -3.68
C ALA B 189 -0.46 -0.06 -2.81
N ASP B 190 -0.53 1.12 -3.41
CA ASP B 190 -0.38 2.36 -2.64
C ASP B 190 -1.55 2.60 -1.70
N GLU B 191 -2.78 2.25 -2.11
CA GLU B 191 -3.93 2.38 -1.22
C GLU B 191 -3.77 1.48 0.00
N LEU B 192 -3.45 0.21 -0.23
CA LEU B 192 -3.24 -0.73 0.86
C LEU B 192 -2.22 -0.20 1.85
N LEU B 193 -1.09 0.28 1.32
CA LEU B 193 0.00 0.72 2.17
C LEU B 193 -0.30 2.03 2.87
N ALA B 194 -1.25 2.81 2.37
CA ALA B 194 -1.69 4.03 3.05
C ALA B 194 -2.62 3.74 4.21
N HIS B 195 -3.12 2.51 4.32
CA HIS B 195 -4.02 2.14 5.40
C HIS B 195 -3.28 2.15 6.74
N PRO B 196 -3.82 2.81 7.77
CA PRO B 196 -3.07 2.99 9.03
C PRO B 196 -2.79 1.70 9.80
N SER B 197 -3.51 0.63 9.48
CA SER B 197 -3.34 -0.66 10.15
C SER B 197 -2.21 -1.50 9.58
N VAL B 198 -1.71 -1.16 8.40
CA VAL B 198 -0.80 -2.03 7.67
C VAL B 198 0.63 -1.71 8.06
N LYS B 199 1.37 -2.74 8.47
CA LYS B 199 2.81 -2.70 8.64
C LYS B 199 3.43 -3.51 7.52
N LEU B 200 4.34 -2.89 6.77
CA LEU B 200 5.00 -3.55 5.65
C LEU B 200 6.33 -4.13 6.08
N TRP B 201 6.50 -5.42 5.82
CA TRP B 201 7.74 -6.15 6.04
C TRP B 201 8.24 -6.54 4.64
N GLU B 202 8.83 -5.56 3.96
CA GLU B 202 9.36 -5.72 2.60
C GLU B 202 10.64 -6.56 2.63
N LYS B 203 10.83 -7.35 1.57
CA LYS B 203 12.02 -8.20 1.39
C LYS B 203 12.30 -9.04 2.61
N THR B 204 11.24 -9.61 3.17
CA THR B 204 11.38 -10.58 4.23
C THR B 204 10.61 -11.84 3.89
N ARG B 205 10.97 -12.92 4.58
CA ARG B 205 10.42 -14.28 4.39
C ARG B 205 9.80 -14.74 5.70
N LEU B 206 8.66 -15.44 5.66
CA LEU B 206 8.02 -16.03 6.86
C LEU B 206 8.65 -17.43 6.99
N ILE B 207 9.60 -17.62 7.91
CA ILE B 207 10.35 -18.91 8.02
C ILE B 207 9.63 -19.87 8.96
N ARG B 208 8.73 -19.40 9.84
CA ARG B 208 8.02 -20.32 10.77
C ARG B 208 6.73 -19.70 11.35
N ILE B 209 5.66 -20.49 11.50
CA ILE B 209 4.39 -20.17 12.16
C ILE B 209 4.29 -21.02 13.41
N LYS B 210 4.07 -20.38 14.56
CA LYS B 210 4.04 -21.10 15.84
C LYS B 210 2.82 -20.70 16.66
N GLY B 211 2.53 -21.55 17.65
CA GLY B 211 1.37 -21.35 18.49
C GLY B 211 1.30 -22.40 19.59
N GLU B 212 0.11 -22.54 20.15
CA GLU B 212 -0.30 -23.44 21.23
C GLU B 212 -1.36 -24.38 20.66
N GLU B 213 -1.97 -25.23 21.48
CA GLU B 213 -3.07 -26.04 20.94
C GLU B 213 -4.26 -25.16 20.53
N ALA B 214 -4.55 -24.07 21.26
CA ALA B 214 -5.66 -23.21 20.83
C ALA B 214 -5.43 -22.63 19.44
N GLY B 215 -4.17 -22.36 19.07
CA GLY B 215 -3.84 -21.94 17.72
C GLY B 215 -2.61 -21.04 17.68
N VAL B 216 -2.48 -20.36 16.53
CA VAL B 216 -1.32 -19.52 16.24
C VAL B 216 -1.20 -18.40 17.24
N THR B 217 0.02 -18.16 17.70
CA THR B 217 0.33 -17.01 18.54
C THR B 217 1.37 -16.08 17.96
N ALA B 218 2.18 -16.53 17.01
CA ALA B 218 3.28 -15.72 16.50
C ALA B 218 3.87 -16.33 15.25
N VAL B 219 4.63 -15.49 14.53
CA VAL B 219 5.44 -15.89 13.38
C VAL B 219 6.88 -15.45 13.60
N GLU B 220 7.79 -16.14 12.91
CA GLU B 220 9.21 -15.80 12.81
C GLU B 220 9.43 -15.27 11.39
N VAL B 221 9.92 -14.03 11.26
CA VAL B 221 10.25 -13.47 9.96
C VAL B 221 11.73 -13.12 9.91
N ARG B 222 12.27 -13.11 8.69
CA ARG B 222 13.70 -12.93 8.47
C ARG B 222 14.00 -12.33 7.11
N HIS B 223 14.91 -11.37 7.10
CA HIS B 223 15.44 -10.87 5.84
C HIS B 223 16.40 -11.87 5.23
N PRO B 224 16.16 -12.32 4.00
CA PRO B 224 17.08 -13.28 3.35
C PRO B 224 18.51 -12.77 3.35
N GLY B 225 19.43 -13.65 3.75
CA GLY B 225 20.84 -13.33 3.86
C GLY B 225 21.28 -12.85 5.22
N GLU B 226 20.34 -12.60 6.14
CA GLU B 226 20.63 -12.14 7.49
C GLU B 226 20.55 -13.31 8.47
N SER B 227 21.29 -13.19 9.58
CA SER B 227 21.21 -14.18 10.64
C SER B 227 20.11 -13.88 11.66
N ASP B 228 19.77 -12.60 11.87
CA ASP B 228 18.74 -12.23 12.83
C ASP B 228 17.32 -12.42 12.31
N SER B 229 16.47 -12.99 13.17
CA SER B 229 15.03 -13.16 12.99
C SER B 229 14.28 -12.18 13.89
N GLN B 230 12.99 -12.01 13.59
CA GLN B 230 12.08 -11.20 14.37
C GLN B 230 10.81 -12.01 14.63
N GLU B 231 10.36 -12.06 15.89
CA GLU B 231 9.10 -12.68 16.23
C GLU B 231 8.02 -11.60 16.17
N LEU B 232 6.90 -11.92 15.53
CA LEU B 232 5.73 -11.05 15.52
C LEU B 232 4.58 -11.80 16.16
N LEU B 233 3.95 -11.20 17.15
CA LEU B 233 2.74 -11.81 17.70
C LEU B 233 1.63 -11.68 16.67
N ALA B 234 0.88 -12.77 16.49
CA ALA B 234 -0.18 -12.81 15.50
C ALA B 234 -1.07 -14.00 15.81
N GLU B 235 -2.34 -13.86 15.46
CA GLU B 235 -3.32 -14.92 15.64
C GLU B 235 -3.87 -15.45 14.32
N GLY B 236 -3.70 -14.72 13.23
CA GLY B 236 -4.11 -15.17 11.93
C GLY B 236 -2.99 -15.00 10.92
N VAL B 237 -2.75 -16.03 10.12
CA VAL B 237 -1.72 -16.01 9.08
C VAL B 237 -2.39 -16.43 7.77
N PHE B 238 -2.46 -15.50 6.83
CA PHE B 238 -3.13 -15.72 5.55
C PHE B 238 -2.05 -15.79 4.46
N VAL B 239 -1.92 -16.95 3.84
CA VAL B 239 -0.81 -17.25 2.94
C VAL B 239 -1.31 -17.30 1.51
N TYR B 240 -0.74 -16.44 0.67
CA TYR B 240 -1.15 -16.27 -0.71
C TYR B 240 0.09 -16.34 -1.59
N LEU B 241 0.69 -17.52 -1.62
CA LEU B 241 1.85 -17.77 -2.46
C LEU B 241 1.39 -18.53 -3.68
N GLN B 242 1.99 -18.23 -4.81
CA GLN B 242 1.57 -18.83 -6.07
C GLN B 242 2.43 -20.03 -6.36
N GLY B 243 1.81 -21.07 -6.90
CA GLY B 243 2.45 -22.31 -7.22
C GLY B 243 1.96 -22.92 -8.52
N SER B 244 2.17 -24.23 -8.60
CA SER B 244 2.09 -25.08 -9.80
C SER B 244 1.01 -26.13 -9.68
N LYS B 245 0.24 -26.11 -8.63
CA LYS B 245 -0.52 -27.29 -8.30
C LYS B 245 -2.02 -27.04 -8.41
N PRO B 246 -2.77 -28.06 -8.83
CA PRO B 246 -4.22 -27.91 -8.96
C PRO B 246 -4.88 -27.52 -7.65
N ILE B 247 -5.75 -26.52 -7.73
CA ILE B 247 -6.49 -25.97 -6.60
C ILE B 247 -7.65 -26.92 -6.33
N THR B 248 -7.49 -27.82 -5.35
CA THR B 248 -8.47 -28.88 -5.10
C THR B 248 -8.82 -29.09 -3.64
N ASP B 249 -8.14 -28.43 -2.70
CA ASP B 249 -8.35 -28.74 -1.29
C ASP B 249 -9.78 -28.39 -0.85
N PHE B 250 -10.38 -27.35 -1.43
CA PHE B 250 -11.75 -26.99 -1.09
C PHE B 250 -12.76 -28.07 -1.46
N VAL B 251 -12.36 -29.02 -2.32
CA VAL B 251 -13.25 -30.12 -2.70
C VAL B 251 -13.22 -31.21 -1.64
N ALA B 252 -12.22 -31.20 -0.77
CA ALA B 252 -12.18 -32.07 0.40
C ALA B 252 -12.30 -33.54 0.02
N GLY B 253 -11.69 -33.92 -1.10
CA GLY B 253 -11.58 -35.32 -1.48
C GLY B 253 -12.84 -35.98 -1.98
N GLN B 254 -13.83 -35.19 -2.39
CA GLN B 254 -15.11 -35.73 -2.79
C GLN B 254 -15.14 -36.20 -4.24
N VAL B 255 -14.20 -35.74 -5.07
CA VAL B 255 -14.00 -36.29 -6.40
C VAL B 255 -12.66 -37.03 -6.44
N GLU B 256 -12.60 -38.07 -7.28
CA GLU B 256 -11.40 -38.88 -7.44
C GLU B 256 -10.32 -38.08 -8.15
N MET B 257 -9.07 -38.28 -7.73
CA MET B 257 -7.90 -37.60 -8.27
C MET B 257 -6.99 -38.60 -8.99
N LYS B 258 -6.46 -38.20 -10.16
CA LYS B 258 -5.38 -38.98 -10.76
C LYS B 258 -4.12 -38.80 -9.89
N PRO B 259 -3.22 -39.86 -9.79
CA PRO B 259 -2.06 -39.84 -8.86
C PRO B 259 -1.23 -38.56 -8.86
N ASP B 260 -1.19 -37.93 -10.03
CA ASP B 260 -0.58 -36.64 -10.31
C ASP B 260 -1.15 -35.49 -9.51
N GLY B 261 -2.30 -35.72 -8.85
CA GLY B 261 -2.95 -34.71 -8.06
C GLY B 261 -4.05 -33.93 -8.78
N GLY B 262 -4.17 -34.08 -10.10
CA GLY B 262 -5.25 -33.44 -10.81
C GLY B 262 -6.54 -34.21 -10.71
N VAL B 263 -7.64 -33.51 -10.99
CA VAL B 263 -8.97 -34.13 -10.99
C VAL B 263 -9.11 -35.09 -12.16
N TRP B 264 -9.47 -36.34 -11.86
CA TRP B 264 -9.80 -37.31 -12.90
C TRP B 264 -11.12 -36.96 -13.59
N VAL B 265 -11.16 -37.11 -14.92
CA VAL B 265 -12.38 -36.90 -15.69
C VAL B 265 -12.44 -37.93 -16.82
N ASP B 266 -13.65 -38.13 -17.35
CA ASP B 266 -13.89 -39.10 -18.45
C ASP B 266 -13.72 -38.36 -19.80
N GLU B 267 -14.09 -38.98 -20.92
CA GLU B 267 -13.97 -38.38 -22.28
C GLU B 267 -14.76 -37.06 -22.33
N MET B 268 -15.92 -36.99 -21.68
CA MET B 268 -16.78 -35.79 -21.67
C MET B 268 -16.57 -34.86 -20.47
N MET B 269 -15.38 -34.79 -19.76
CA MET B 269 -14.91 -33.86 -18.75
C MET B 269 -15.62 -34.04 -17.42
N GLN B 270 -16.34 -35.15 -17.25
CA GLN B 270 -17.13 -35.38 -16.05
C GLN B 270 -16.29 -36.13 -15.01
N THR B 271 -16.37 -35.66 -13.76
CA THR B 271 -15.64 -36.29 -12.67
C THR B 271 -16.31 -37.61 -12.28
N SER B 272 -15.75 -38.25 -11.24
CA SER B 272 -16.30 -39.48 -10.66
C SER B 272 -17.67 -39.28 -10.02
N VAL B 273 -18.06 -38.04 -9.76
CA VAL B 273 -19.33 -37.73 -9.12
C VAL B 273 -20.31 -37.24 -10.31
N PRO B 274 -21.38 -37.97 -10.51
CA PRO B 274 -22.31 -37.50 -11.59
C PRO B 274 -22.82 -36.11 -11.26
N GLY B 275 -22.95 -35.29 -12.31
CA GLY B 275 -23.34 -33.90 -12.17
C GLY B 275 -22.21 -32.95 -11.90
N VAL B 276 -20.97 -33.43 -11.83
CA VAL B 276 -19.81 -32.61 -11.53
C VAL B 276 -18.77 -32.77 -12.64
N TRP B 277 -18.35 -31.64 -13.19
CA TRP B 277 -17.36 -31.62 -14.26
C TRP B 277 -16.09 -30.94 -13.78
N GLY B 278 -14.97 -31.30 -14.43
CA GLY B 278 -13.68 -30.72 -14.17
C GLY B 278 -12.99 -30.33 -15.46
N ILE B 279 -12.46 -29.11 -15.52
CA ILE B 279 -11.97 -28.54 -16.77
C ILE B 279 -10.76 -27.65 -16.50
N GLY B 280 -9.89 -27.57 -17.51
CA GLY B 280 -8.74 -26.71 -17.41
C GLY B 280 -7.65 -27.32 -16.54
N ASP B 281 -6.82 -26.47 -15.96
CA ASP B 281 -5.57 -26.92 -15.35
C ASP B 281 -5.78 -27.60 -13.99
N ILE B 282 -6.98 -27.50 -13.40
CA ILE B 282 -7.29 -28.32 -12.23
C ILE B 282 -7.11 -29.82 -12.54
N ARG B 283 -7.22 -30.19 -13.82
CA ARG B 283 -7.01 -31.58 -14.23
C ARG B 283 -5.54 -31.98 -14.22
N ASN B 284 -4.64 -31.00 -14.28
CA ASN B 284 -3.19 -31.21 -14.19
C ASN B 284 -2.67 -32.13 -15.31
N THR B 285 -3.11 -31.86 -16.54
CA THR B 285 -2.45 -32.46 -17.70
C THR B 285 -1.20 -31.64 -18.01
N PRO B 286 -0.27 -32.20 -18.79
CA PRO B 286 0.91 -31.41 -19.19
C PRO B 286 0.58 -30.29 -20.17
N PHE B 287 -0.63 -30.27 -20.70
CA PHE B 287 -1.01 -29.34 -21.76
C PHE B 287 -1.67 -28.11 -21.17
N LYS B 288 -0.86 -27.39 -20.41
CA LYS B 288 -1.28 -26.15 -19.74
C LYS B 288 -1.14 -25.01 -20.73
N GLN B 289 -2.16 -24.82 -21.54
CA GLN B 289 -2.26 -23.69 -22.45
C GLN B 289 -3.70 -23.19 -22.42
N ALA B 290 -3.87 -21.90 -22.67
CA ALA B 290 -5.17 -21.26 -22.53
C ALA B 290 -6.21 -21.86 -23.48
N VAL B 291 -5.83 -22.13 -24.74
CA VAL B 291 -6.80 -22.63 -25.71
C VAL B 291 -7.21 -24.05 -25.38
N VAL B 292 -6.33 -24.80 -24.72
CA VAL B 292 -6.69 -26.15 -24.27
C VAL B 292 -7.71 -26.06 -23.14
N ALA B 293 -7.43 -25.17 -22.18
CA ALA B 293 -8.35 -24.93 -21.07
C ALA B 293 -9.72 -24.51 -21.59
N ALA B 294 -9.74 -23.54 -22.50
CA ALA B 294 -10.99 -23.09 -23.10
C ALA B 294 -11.71 -24.26 -23.76
N GLY B 295 -10.96 -25.12 -24.45
CA GLY B 295 -11.56 -26.28 -25.08
C GLY B 295 -12.26 -27.20 -24.09
N ASP B 296 -11.59 -27.48 -22.96
CA ASP B 296 -12.20 -28.30 -21.92
C ASP B 296 -13.54 -27.73 -21.54
N GLY B 297 -13.58 -26.41 -21.35
CA GLY B 297 -14.78 -25.76 -20.87
C GLY B 297 -15.93 -25.91 -21.84
N CYS B 298 -15.66 -25.80 -23.12
CA CYS B 298 -16.74 -25.97 -24.08
C CYS B 298 -17.22 -27.44 -24.09
N ILE B 299 -16.29 -28.39 -24.06
CA ILE B 299 -16.72 -29.80 -24.03
C ILE B 299 -17.69 -30.03 -22.87
N ALA B 300 -17.30 -29.56 -21.68
CA ALA B 300 -18.12 -29.78 -20.49
C ALA B 300 -19.48 -29.09 -20.62
N ALA B 301 -19.46 -27.85 -21.10
CA ALA B 301 -20.70 -27.11 -21.34
C ALA B 301 -21.67 -27.90 -22.21
N MET B 302 -21.15 -28.56 -23.25
CA MET B 302 -22.07 -29.25 -24.16
C MET B 302 -22.53 -30.58 -23.57
N ALA B 303 -21.66 -31.28 -22.84
CA ALA B 303 -22.12 -32.45 -22.10
C ALA B 303 -23.18 -32.05 -21.06
N ILE B 304 -22.99 -30.89 -20.44
CA ILE B 304 -23.92 -30.39 -19.43
C ILE B 304 -25.26 -30.07 -20.06
N ASP B 305 -25.25 -29.34 -21.19
CA ASP B 305 -26.48 -29.04 -21.90
C ASP B 305 -27.25 -30.31 -22.24
N ARG B 306 -26.55 -31.35 -22.70
CA ARG B 306 -27.26 -32.59 -23.02
C ARG B 306 -27.91 -33.18 -21.77
N PHE B 307 -27.19 -33.14 -20.66
CA PHE B 307 -27.64 -33.70 -19.38
C PHE B 307 -28.84 -32.95 -18.84
N LEU B 308 -28.72 -31.62 -18.74
CA LEU B 308 -29.72 -30.79 -18.10
C LEU B 308 -30.98 -30.58 -18.93
N ASN B 309 -30.90 -30.75 -20.25
CA ASN B 309 -32.07 -30.63 -21.09
C ASN B 309 -32.53 -32.00 -21.59
N SER B 310 -31.94 -33.06 -21.06
CA SER B 310 -32.31 -34.44 -21.37
C SER B 310 -32.36 -34.67 -22.88
N ARG B 311 -31.34 -34.22 -23.59
CA ARG B 311 -31.33 -34.31 -25.05
C ARG B 311 -30.98 -35.73 -25.49
N LYS B 312 -31.33 -36.09 -26.70
CA LYS B 312 -30.90 -37.43 -27.08
C LYS B 312 -29.46 -37.42 -27.60
N ALA B 313 -28.92 -36.27 -28.00
CA ALA B 313 -27.54 -36.22 -28.46
C ALA B 313 -26.93 -34.87 -28.11
N ILE B 314 -25.60 -34.80 -28.17
CA ILE B 314 -24.91 -33.53 -28.01
C ILE B 314 -25.34 -32.57 -29.11
N LYS B 315 -25.64 -31.33 -28.75
CA LYS B 315 -26.13 -30.34 -29.70
C LYS B 315 -25.05 -29.34 -30.06
N PRO B 316 -24.70 -29.23 -31.34
CA PRO B 316 -23.71 -28.23 -31.75
C PRO B 316 -24.27 -26.82 -31.66
N ASP B 317 -23.40 -25.87 -31.36
CA ASP B 317 -23.71 -24.45 -31.27
C ASP B 317 -23.05 -23.74 -32.46
N TRP B 318 -23.75 -23.69 -33.59
CA TRP B 318 -23.23 -23.11 -34.81
C TRP B 318 -24.13 -21.99 -35.33
N ALA B 319 -23.57 -21.16 -36.23
CA ALA B 319 -24.23 -20.14 -37.05
C ALA B 319 -24.69 -18.90 -36.29
N HIS B 320 -24.38 -18.78 -35.00
CA HIS B 320 -24.74 -17.58 -34.25
C HIS B 320 -23.90 -17.44 -33.00
N ALA C 5 20.18 20.82 34.50
CA ALA C 5 19.21 21.50 35.34
C ALA C 5 17.79 20.93 35.23
N THR C 6 17.22 20.59 36.38
CA THR C 6 15.84 20.17 36.53
C THR C 6 15.08 21.30 37.22
N TYR C 7 13.88 21.59 36.72
CA TYR C 7 13.07 22.70 37.21
C TYR C 7 11.79 22.17 37.84
N LYS C 8 11.29 22.90 38.84
CA LYS C 8 10.01 22.57 39.42
C LYS C 8 8.91 23.32 38.69
N VAL C 9 7.96 22.56 38.12
CA VAL C 9 6.84 23.09 37.37
C VAL C 9 5.57 22.79 38.15
N THR C 10 4.86 23.84 38.53
CA THR C 10 3.57 23.73 39.20
C THR C 10 2.50 23.90 38.15
N LEU C 11 1.73 22.87 37.88
CA LEU C 11 0.64 22.98 36.92
C LEU C 11 -0.67 23.15 37.62
N VAL C 12 -1.40 24.17 37.24
CA VAL C 12 -2.66 24.56 37.82
C VAL C 12 -3.75 24.00 36.91
N THR C 13 -4.19 22.78 37.24
CA THR C 13 -5.24 22.13 36.46
C THR C 13 -6.60 22.35 37.10
N PRO C 14 -7.67 22.19 36.31
CA PRO C 14 -9.03 22.16 36.88
C PRO C 14 -9.18 21.26 38.09
N SER C 15 -8.36 20.24 38.25
CA SER C 15 -8.46 19.34 39.40
C SER C 15 -7.60 19.78 40.58
N GLY C 16 -6.93 20.93 40.50
CA GLY C 16 -6.05 21.43 41.53
C GLY C 16 -4.61 21.50 41.04
N LYS C 17 -3.73 21.97 41.94
CA LYS C 17 -2.33 22.16 41.59
C LYS C 17 -1.54 20.87 41.75
N LYS C 18 -0.52 20.70 40.89
CA LYS C 18 0.44 19.61 41.07
C LYS C 18 1.82 20.03 40.58
N GLU C 19 2.82 19.82 41.45
CA GLU C 19 4.21 20.14 41.17
C GLU C 19 4.87 18.91 40.56
N ILE C 20 5.67 19.14 39.52
CA ILE C 20 6.44 18.10 38.87
C ILE C 20 7.88 18.58 38.69
N ASP C 21 8.76 17.62 38.43
CA ASP C 21 10.11 17.91 37.97
C ASP C 21 10.13 17.84 36.46
N CYS C 22 10.77 18.81 35.83
CA CYS C 22 10.97 18.82 34.39
C CYS C 22 12.41 19.19 34.06
N PRO C 23 13.22 18.26 33.56
CA PRO C 23 14.53 18.62 33.03
C PRO C 23 14.40 19.73 31.99
N SER C 24 15.41 20.59 31.91
CA SER C 24 15.37 21.68 30.94
C SER C 24 15.31 21.19 29.50
N ASP C 25 15.60 19.91 29.25
CA ASP C 25 15.56 19.33 27.91
C ASP C 25 14.38 18.40 27.71
N GLU C 26 13.33 18.55 28.52
CA GLU C 26 12.10 17.79 28.34
C GLU C 26 10.92 18.75 28.23
N TYR C 27 9.96 18.39 27.40
CA TYR C 27 8.74 19.17 27.22
C TYR C 27 7.84 19.04 28.44
N ILE C 28 7.14 20.14 28.77
CA ILE C 28 6.28 20.16 29.95
C ILE C 28 5.31 18.99 29.93
N LEU C 29 4.63 18.82 28.80
CA LEU C 29 3.59 17.81 28.66
C LEU C 29 4.14 16.41 28.88
N ASP C 30 5.32 16.12 28.31
CA ASP C 30 5.94 14.80 28.45
C ASP C 30 6.33 14.51 29.89
N ALA C 31 6.86 15.53 30.58
CA ALA C 31 7.21 15.39 31.99
C ALA C 31 5.98 15.14 32.85
N ALA C 32 4.90 15.88 32.57
CA ALA C 32 3.66 15.75 33.32
C ALA C 32 3.06 14.36 33.19
N GLU C 33 3.04 13.84 31.96
CA GLU C 33 2.47 12.51 31.71
C GLU C 33 3.28 11.43 32.40
N ARG C 34 4.59 11.50 32.24
CA ARG C 34 5.53 10.62 32.93
C ARG C 34 5.29 10.59 34.43
N GLN C 35 4.81 11.70 35.00
CA GLN C 35 4.52 11.82 36.43
C GLN C 35 3.02 11.70 36.72
N GLY C 36 2.27 11.06 35.84
CA GLY C 36 0.91 10.64 36.10
C GLY C 36 -0.20 11.63 35.82
N LEU C 37 0.07 12.73 35.12
CA LEU C 37 -0.97 13.71 34.85
C LEU C 37 -1.54 13.50 33.46
N ASP C 38 -2.86 13.62 33.35
CA ASP C 38 -3.52 13.54 32.05
C ASP C 38 -3.90 14.97 31.67
N LEU C 39 -3.17 15.51 30.71
CA LEU C 39 -3.38 16.83 30.17
C LEU C 39 -3.80 16.76 28.71
N PRO C 40 -4.45 17.80 28.22
CA PRO C 40 -5.00 17.76 26.85
C PRO C 40 -3.91 17.96 25.81
N PHE C 41 -4.05 17.24 24.69
CA PHE C 41 -3.10 17.27 23.58
C PHE C 41 -3.79 16.71 22.34
N SER C 42 -3.26 17.06 21.15
CA SER C 42 -3.75 16.51 19.88
C SER C 42 -2.65 16.16 18.87
N CYS C 43 -1.92 17.20 18.36
CA CYS C 43 -0.80 17.08 17.39
C CYS C 43 0.48 16.65 18.08
N ARG C 44 0.66 17.18 19.27
CA ARG C 44 1.88 17.13 20.07
C ARG C 44 3.09 17.62 19.29
N ALA C 45 2.87 18.60 18.39
CA ALA C 45 3.90 19.07 17.47
C ALA C 45 3.98 20.59 17.37
N GLY C 46 3.25 21.34 18.19
CA GLY C 46 3.24 22.79 18.12
C GLY C 46 2.44 23.34 16.96
N ALA C 47 1.54 22.53 16.40
CA ALA C 47 0.78 22.85 15.19
C ALA C 47 -0.73 23.02 15.46
N CYS C 48 -1.14 23.12 16.71
CA CYS C 48 -2.55 23.36 17.11
C CYS C 48 -2.50 24.14 18.43
N SER C 49 -3.60 24.22 19.20
CA SER C 49 -3.52 24.80 20.55
C SER C 49 -4.38 24.01 21.54
N THR C 50 -4.66 22.75 21.24
CA THR C 50 -5.36 21.86 22.16
C THR C 50 -4.69 21.83 23.53
N CYS C 51 -3.35 21.91 23.56
CA CYS C 51 -2.56 21.84 24.77
C CYS C 51 -2.27 23.21 25.38
N ALA C 52 -2.97 24.24 24.92
CA ALA C 52 -2.67 25.60 25.36
C ALA C 52 -2.68 25.70 26.88
N GLY C 53 -1.70 26.45 27.39
CA GLY C 53 -1.67 26.83 28.79
C GLY C 53 -1.36 28.31 28.90
N LYS C 54 -1.24 28.76 30.14
CA LYS C 54 -0.96 30.16 30.43
C LYS C 54 -0.01 30.28 31.61
N MET C 55 1.06 31.06 31.41
CA MET C 55 2.12 31.23 32.40
C MET C 55 1.58 32.01 33.59
N VAL C 56 1.47 31.36 34.75
CA VAL C 56 1.14 32.09 35.97
C VAL C 56 2.37 32.79 36.50
N SER C 57 3.51 32.08 36.53
CA SER C 57 4.79 32.61 37.02
C SER C 57 5.93 31.87 36.32
N GLY C 58 7.13 32.49 36.34
CA GLY C 58 8.34 31.90 35.75
C GLY C 58 8.34 32.01 34.23
N THR C 59 9.28 31.32 33.58
CA THR C 59 9.41 31.41 32.12
C THR C 59 9.61 30.02 31.51
N ILE C 60 9.26 29.90 30.22
CA ILE C 60 9.51 28.70 29.42
C ILE C 60 10.10 29.12 28.08
N ASP C 61 10.53 28.10 27.32
CA ASP C 61 11.02 28.23 25.95
C ASP C 61 10.08 27.45 25.04
N GLN C 62 9.34 28.16 24.20
CA GLN C 62 8.48 27.51 23.21
C GLN C 62 8.88 27.95 21.81
N GLY C 63 10.18 27.90 21.51
CA GLY C 63 10.65 28.20 20.17
C GLY C 63 10.20 27.17 19.15
N ASP C 64 9.96 25.93 19.58
CA ASP C 64 9.43 24.89 18.70
C ASP C 64 7.96 25.11 18.40
N GLN C 65 7.31 26.03 19.12
CA GLN C 65 5.92 26.40 18.90
C GLN C 65 5.69 26.93 17.49
N SER C 66 4.55 26.56 16.89
CA SER C 66 4.24 27.03 15.55
C SER C 66 2.74 27.22 15.28
N PHE C 67 1.96 27.60 16.30
CA PHE C 67 0.52 27.83 16.10
C PHE C 67 0.02 29.15 16.68
N LEU C 68 0.62 29.63 17.76
CA LEU C 68 0.20 30.86 18.44
C LEU C 68 0.75 32.11 17.73
N ASP C 69 -0.05 33.19 17.73
CA ASP C 69 0.39 34.48 17.19
C ASP C 69 1.10 35.30 18.28
N ASP C 70 1.55 36.51 17.93
CA ASP C 70 2.35 37.29 18.88
C ASP C 70 1.49 37.88 20.00
N ASP C 71 0.25 38.23 19.71
CA ASP C 71 -0.65 38.74 20.75
C ASP C 71 -0.94 37.67 21.80
N GLN C 72 -1.14 36.42 21.35
CA GLN C 72 -1.39 35.31 22.26
C GLN C 72 -0.17 34.99 23.09
N ILE C 73 1.01 34.98 22.46
CA ILE C 73 2.26 34.76 23.19
C ILE C 73 2.48 35.88 24.20
N ALA C 74 2.25 37.13 23.78
CA ALA C 74 2.44 38.29 24.64
C ALA C 74 1.44 38.34 25.79
N ALA C 75 0.37 37.55 25.73
CA ALA C 75 -0.60 37.44 26.80
C ALA C 75 -0.28 36.32 27.78
N GLY C 76 0.81 35.59 27.56
CA GLY C 76 1.24 34.54 28.46
C GLY C 76 0.84 33.13 28.07
N TYR C 77 0.23 32.94 26.91
CA TYR C 77 -0.21 31.63 26.47
C TYR C 77 0.96 30.83 25.90
N VAL C 78 0.84 29.50 26.00
CA VAL C 78 1.92 28.59 25.64
C VAL C 78 1.35 27.25 25.20
N LEU C 79 2.06 26.59 24.30
CA LEU C 79 1.75 25.23 23.89
C LEU C 79 2.60 24.28 24.72
N THR C 80 1.98 23.59 25.66
CA THR C 80 2.72 22.82 26.66
C THR C 80 3.42 21.60 26.08
N CYS C 81 2.99 21.15 24.91
CA CYS C 81 3.57 19.96 24.28
C CYS C 81 4.94 20.21 23.68
N VAL C 82 5.32 21.48 23.53
CA VAL C 82 6.62 21.86 22.95
C VAL C 82 7.28 22.97 23.77
N ALA C 83 6.94 23.07 25.04
CA ALA C 83 7.52 24.07 25.92
C ALA C 83 8.51 23.43 26.86
N TYR C 84 9.74 23.96 26.87
CA TYR C 84 10.76 23.62 27.84
C TYR C 84 10.73 24.62 28.98
N PRO C 85 10.87 24.18 30.23
CA PRO C 85 11.06 25.14 31.33
C PRO C 85 12.42 25.80 31.22
N THR C 86 12.48 27.11 31.45
CA THR C 86 13.77 27.79 31.61
C THR C 86 13.92 28.38 33.00
N SER C 87 12.97 28.11 33.89
CA SER C 87 13.06 28.45 35.30
C SER C 87 12.10 27.51 36.04
N ASN C 88 12.06 27.65 37.36
CA ASN C 88 10.92 27.15 38.12
C ASN C 88 9.73 28.00 37.74
N CYS C 89 8.60 27.37 37.41
CA CYS C 89 7.50 28.08 36.80
C CYS C 89 6.17 27.43 37.13
N SER C 90 5.11 28.19 36.93
CA SER C 90 3.74 27.79 37.20
C SER C 90 2.92 28.07 35.95
N ILE C 91 2.10 27.10 35.55
CA ILE C 91 1.32 27.18 34.31
C ILE C 91 -0.10 26.71 34.55
N GLU C 92 -1.09 27.51 34.11
CA GLU C 92 -2.48 27.07 34.07
C GLU C 92 -2.70 26.22 32.83
N THR C 93 -3.26 25.02 32.99
CA THR C 93 -3.56 24.14 31.87
C THR C 93 -5.01 24.34 31.41
N HIS C 94 -5.37 23.67 30.31
CA HIS C 94 -6.73 23.71 29.75
C HIS C 94 -7.20 25.12 29.39
N LYS C 95 -6.33 25.92 28.79
CA LYS C 95 -6.61 27.33 28.51
C LYS C 95 -6.97 27.62 27.05
N GLU C 96 -7.23 26.60 26.22
CA GLU C 96 -7.44 26.84 24.80
C GLU C 96 -8.57 27.85 24.56
N ASP C 97 -9.68 27.74 25.29
CA ASP C 97 -10.84 28.56 24.98
C ASP C 97 -10.54 30.05 25.08
N GLU C 98 -9.55 30.43 25.90
CA GLU C 98 -9.19 31.83 26.08
C GLU C 98 -8.43 32.43 24.91
N LEU C 99 -7.92 31.60 23.98
CA LEU C 99 -7.10 32.12 22.89
C LEU C 99 -7.93 32.82 21.84
N TYR C 100 -9.23 32.58 21.83
CA TYR C 100 -10.13 32.96 20.77
C TYR C 100 -11.34 33.63 21.41
N ALA D 5 24.91 -6.73 2.58
CA ALA D 5 25.97 -7.36 1.80
C ALA D 5 25.56 -7.40 0.33
N THR D 6 26.37 -6.92 -0.60
CA THR D 6 26.03 -7.06 -2.01
C THR D 6 27.10 -7.84 -2.77
N TYR D 7 26.67 -8.81 -3.56
CA TYR D 7 27.49 -9.83 -4.20
C TYR D 7 27.53 -9.62 -5.71
N LYS D 8 28.70 -9.78 -6.32
CA LYS D 8 28.83 -9.61 -7.77
C LYS D 8 28.45 -10.89 -8.48
N VAL D 9 27.42 -10.80 -9.32
CA VAL D 9 26.81 -11.88 -10.06
C VAL D 9 27.15 -11.70 -11.54
N THR D 10 27.87 -12.65 -12.11
CA THR D 10 28.17 -12.63 -13.53
C THR D 10 27.24 -13.61 -14.24
N LEU D 11 26.42 -13.07 -15.11
CA LEU D 11 25.46 -13.82 -15.88
C LEU D 11 26.05 -14.16 -17.24
N VAL D 12 26.02 -15.43 -17.59
CA VAL D 12 26.55 -15.92 -18.86
C VAL D 12 25.34 -16.11 -19.76
N THR D 13 24.99 -15.06 -20.51
CA THR D 13 23.87 -15.06 -21.44
C THR D 13 24.33 -15.46 -22.83
N PRO D 14 23.39 -15.88 -23.68
CA PRO D 14 23.71 -16.07 -25.10
C PRO D 14 24.50 -14.93 -25.74
N SER D 15 24.40 -13.70 -25.24
CA SER D 15 25.16 -12.60 -25.84
C SER D 15 26.52 -12.38 -25.19
N GLY D 16 26.93 -13.23 -24.26
CA GLY D 16 28.18 -13.05 -23.54
C GLY D 16 27.92 -12.76 -22.07
N LYS D 17 28.98 -12.52 -21.33
CA LYS D 17 28.84 -12.30 -19.90
C LYS D 17 28.49 -10.88 -19.54
N LYS D 18 27.75 -10.71 -18.46
CA LYS D 18 27.53 -9.41 -17.86
C LYS D 18 27.45 -9.50 -16.36
N GLU D 19 28.25 -8.65 -15.71
CA GLU D 19 28.43 -8.54 -14.26
C GLU D 19 27.39 -7.57 -13.71
N ILE D 20 26.75 -7.95 -12.62
CA ILE D 20 25.83 -7.05 -11.93
C ILE D 20 26.09 -7.13 -10.44
N ASP D 21 25.60 -6.13 -9.71
CA ASP D 21 25.53 -6.23 -8.26
C ASP D 21 24.13 -6.63 -7.83
N CYS D 22 24.06 -7.56 -6.89
CA CYS D 22 22.80 -8.01 -6.31
C CYS D 22 22.89 -8.06 -4.79
N PRO D 23 22.17 -7.19 -4.09
CA PRO D 23 22.03 -7.34 -2.64
C PRO D 23 21.59 -8.74 -2.26
N SER D 24 22.03 -9.15 -1.07
CA SER D 24 21.71 -10.45 -0.51
C SER D 24 20.23 -10.70 -0.35
N ASP D 25 19.44 -9.62 -0.34
CA ASP D 25 18.00 -9.68 -0.15
C ASP D 25 17.23 -9.29 -1.40
N GLU D 26 17.85 -9.41 -2.57
CA GLU D 26 17.24 -9.15 -3.86
C GLU D 26 17.34 -10.41 -4.71
N TYR D 27 16.30 -10.69 -5.50
CA TYR D 27 16.34 -11.83 -6.43
C TYR D 27 17.24 -11.51 -7.63
N ILE D 28 17.91 -12.55 -8.14
CA ILE D 28 18.83 -12.36 -9.27
C ILE D 28 18.13 -11.66 -10.42
N LEU D 29 16.95 -12.16 -10.79
CA LEU D 29 16.21 -11.64 -11.93
C LEU D 29 15.88 -10.16 -11.75
N ASP D 30 15.43 -9.78 -10.54
CA ASP D 30 15.06 -8.39 -10.27
C ASP D 30 16.26 -7.47 -10.34
N ALA D 31 17.41 -7.92 -9.82
CA ALA D 31 18.64 -7.15 -9.90
C ALA D 31 19.09 -6.96 -11.34
N ALA D 32 19.01 -8.04 -12.14
CA ALA D 32 19.41 -7.98 -13.54
C ALA D 32 18.54 -7.00 -14.34
N GLU D 33 17.22 -7.04 -14.12
CA GLU D 33 16.31 -6.15 -14.84
C GLU D 33 16.56 -4.71 -14.46
N ARG D 34 16.67 -4.45 -13.16
CA ARG D 34 17.04 -3.14 -12.63
C ARG D 34 18.31 -2.61 -13.27
N GLN D 35 19.21 -3.50 -13.68
CA GLN D 35 20.48 -3.16 -14.31
C GLN D 35 20.45 -3.33 -15.83
N GLY D 36 19.26 -3.31 -16.42
CA GLY D 36 19.07 -3.20 -17.85
C GLY D 36 19.09 -4.48 -18.65
N LEU D 37 19.03 -5.65 -18.02
CA LEU D 37 19.03 -6.87 -18.79
C LEU D 37 17.65 -7.45 -18.91
N ASP D 38 17.34 -7.97 -20.08
CA ASP D 38 16.09 -8.67 -20.29
C ASP D 38 16.40 -10.17 -20.27
N LEU D 39 15.97 -10.82 -19.20
CA LEU D 39 16.08 -12.25 -19.06
C LEU D 39 14.70 -12.89 -19.00
N PRO D 40 14.61 -14.17 -19.34
CA PRO D 40 13.31 -14.82 -19.52
C PRO D 40 12.60 -15.13 -18.20
N PHE D 41 11.28 -14.98 -18.22
CA PHE D 41 10.45 -15.19 -17.04
C PHE D 41 9.01 -15.41 -17.46
N SER D 42 8.24 -16.03 -16.55
CA SER D 42 6.79 -16.17 -16.72
C SER D 42 6.05 -15.89 -15.42
N CYS D 43 6.16 -16.84 -14.48
CA CYS D 43 5.44 -16.81 -13.21
C CYS D 43 6.04 -15.82 -12.24
N ARG D 44 7.37 -15.70 -12.29
CA ARG D 44 8.18 -14.93 -11.34
C ARG D 44 7.97 -15.38 -9.90
N ALA D 45 7.61 -16.65 -9.71
CA ALA D 45 7.24 -17.15 -8.39
C ALA D 45 7.88 -18.49 -8.05
N GLY D 46 8.77 -19.01 -8.90
CA GLY D 46 9.39 -20.30 -8.63
C GLY D 46 8.51 -21.50 -8.91
N ALA D 47 7.48 -21.33 -9.74
CA ALA D 47 6.46 -22.33 -9.99
C ALA D 47 6.50 -22.89 -11.43
N CYS D 48 7.49 -22.52 -12.23
CA CYS D 48 7.66 -23.01 -13.62
C CYS D 48 9.18 -23.16 -13.85
N SER D 49 9.66 -23.23 -15.08
CA SER D 49 11.11 -23.31 -15.34
C SER D 49 11.53 -22.35 -16.45
N THR D 50 10.71 -21.35 -16.75
CA THR D 50 11.01 -20.37 -17.79
C THR D 50 12.30 -19.63 -17.53
N CYS D 51 12.58 -19.33 -16.26
CA CYS D 51 13.71 -18.56 -15.76
C CYS D 51 14.92 -19.42 -15.45
N ALA D 52 14.90 -20.69 -15.86
CA ALA D 52 15.94 -21.61 -15.44
C ALA D 52 17.33 -21.10 -15.81
N GLY D 53 18.25 -21.27 -14.87
CA GLY D 53 19.66 -21.07 -15.13
C GLY D 53 20.45 -22.23 -14.55
N LYS D 54 21.76 -22.13 -14.69
CA LYS D 54 22.60 -23.17 -14.10
C LYS D 54 23.90 -22.58 -13.60
N MET D 55 24.21 -22.96 -12.36
CA MET D 55 25.37 -22.48 -11.62
C MET D 55 26.67 -22.92 -12.26
N VAL D 56 27.53 -21.94 -12.53
CA VAL D 56 28.91 -22.19 -12.90
C VAL D 56 29.85 -22.14 -11.69
N SER D 57 29.67 -21.10 -10.86
CA SER D 57 30.55 -20.72 -9.76
C SER D 57 29.69 -20.26 -8.58
N GLY D 58 30.21 -20.42 -7.36
CA GLY D 58 29.49 -19.84 -6.24
C GLY D 58 28.16 -20.49 -5.84
N THR D 59 27.44 -19.75 -4.98
CA THR D 59 26.27 -20.22 -4.24
C THR D 59 25.09 -19.29 -4.44
N ILE D 60 23.87 -19.83 -4.34
CA ILE D 60 22.64 -19.05 -4.25
C ILE D 60 21.72 -19.72 -3.24
N ASP D 61 20.64 -19.01 -2.88
CA ASP D 61 19.56 -19.51 -2.05
C ASP D 61 18.28 -19.46 -2.89
N GLN D 62 17.74 -20.63 -3.25
CA GLN D 62 16.47 -20.69 -3.94
C GLN D 62 15.48 -21.52 -3.12
N GLY D 63 15.41 -21.24 -1.82
CA GLY D 63 14.43 -21.89 -0.96
C GLY D 63 13.00 -21.55 -1.30
N ASP D 64 12.76 -20.37 -1.91
CA ASP D 64 11.41 -19.96 -2.32
C ASP D 64 10.90 -20.74 -3.53
N GLN D 65 11.82 -21.40 -4.23
CA GLN D 65 11.58 -22.29 -5.38
C GLN D 65 10.62 -23.43 -5.05
N SER D 66 9.80 -23.82 -6.05
CA SER D 66 8.88 -24.94 -5.82
C SER D 66 8.65 -25.85 -7.04
N PHE D 67 9.52 -25.80 -8.06
CA PHE D 67 9.28 -26.49 -9.32
C PHE D 67 10.33 -27.52 -9.70
N LEU D 68 11.60 -27.31 -9.37
CA LEU D 68 12.64 -28.27 -9.67
C LEU D 68 12.76 -29.33 -8.58
N ASP D 69 13.08 -30.55 -9.00
CA ASP D 69 13.30 -31.66 -8.09
C ASP D 69 14.75 -31.63 -7.59
N ASP D 70 15.09 -32.60 -6.74
CA ASP D 70 16.41 -32.59 -6.10
C ASP D 70 17.52 -32.95 -7.08
N ASP D 71 17.27 -33.84 -8.04
CA ASP D 71 18.28 -34.17 -9.03
C ASP D 71 18.61 -32.95 -9.91
N GLN D 72 17.58 -32.17 -10.27
CA GLN D 72 17.80 -30.97 -11.07
C GLN D 72 18.57 -29.92 -10.29
N ILE D 73 18.21 -29.72 -9.02
CA ILE D 73 18.96 -28.79 -8.17
C ILE D 73 20.39 -29.27 -8.00
N ALA D 74 20.58 -30.57 -7.78
CA ALA D 74 21.92 -31.14 -7.59
C ALA D 74 22.77 -31.09 -8.86
N ALA D 75 22.15 -30.83 -10.03
CA ALA D 75 22.86 -30.66 -11.29
C ALA D 75 23.24 -29.22 -11.55
N GLY D 76 22.90 -28.32 -10.63
CA GLY D 76 23.23 -26.91 -10.74
C GLY D 76 22.14 -26.03 -11.28
N TYR D 77 20.94 -26.56 -11.53
CA TYR D 77 19.87 -25.76 -12.09
C TYR D 77 19.24 -24.88 -11.00
N VAL D 78 18.73 -23.73 -11.44
CA VAL D 78 18.23 -22.71 -10.53
C VAL D 78 17.17 -21.89 -11.25
N LEU D 79 16.17 -21.45 -10.49
CA LEU D 79 15.14 -20.53 -10.96
C LEU D 79 15.57 -19.13 -10.53
N THR D 80 16.01 -18.33 -11.52
CA THR D 80 16.65 -17.05 -11.22
C THR D 80 15.67 -16.02 -10.68
N CYS D 81 14.37 -16.25 -10.84
CA CYS D 81 13.34 -15.31 -10.39
C CYS D 81 13.12 -15.34 -8.89
N VAL D 82 13.62 -16.37 -8.20
CA VAL D 82 13.47 -16.51 -6.75
C VAL D 82 14.79 -16.92 -6.11
N ALA D 83 15.92 -16.61 -6.75
CA ALA D 83 17.22 -16.97 -6.22
C ALA D 83 17.92 -15.74 -5.66
N TYR D 84 18.32 -15.83 -4.40
CA TYR D 84 19.16 -14.85 -3.74
C TYR D 84 20.62 -15.28 -3.86
N PRO D 85 21.54 -14.36 -4.13
CA PRO D 85 22.96 -14.71 -4.03
C PRO D 85 23.37 -14.92 -2.59
N THR D 86 24.17 -15.96 -2.33
CA THR D 86 24.82 -16.12 -1.03
C THR D 86 26.34 -16.03 -1.15
N SER D 87 26.85 -15.73 -2.33
CA SER D 87 28.25 -15.41 -2.56
C SER D 87 28.31 -14.65 -3.88
N ASN D 88 29.50 -14.20 -4.26
CA ASN D 88 29.67 -13.82 -5.65
C ASN D 88 29.70 -15.10 -6.48
N CYS D 89 28.91 -15.09 -7.55
CA CYS D 89 28.56 -16.26 -8.33
C CYS D 89 28.33 -15.86 -9.78
N SER D 90 28.43 -16.93 -10.62
CA SER D 90 28.43 -17.03 -12.08
C SER D 90 27.18 -17.79 -12.42
N ILE D 91 26.37 -17.41 -13.42
CA ILE D 91 25.20 -18.27 -13.69
C ILE D 91 24.94 -18.29 -15.19
N GLU D 92 24.79 -19.47 -15.81
CA GLU D 92 24.35 -19.53 -17.20
C GLU D 92 22.84 -19.32 -17.25
N THR D 93 22.38 -18.34 -18.05
CA THR D 93 20.96 -18.06 -18.21
C THR D 93 20.39 -18.81 -19.42
N HIS D 94 19.07 -18.71 -19.59
CA HIS D 94 18.38 -19.31 -20.75
C HIS D 94 18.58 -20.82 -20.83
N LYS D 95 18.52 -21.53 -19.70
CA LYS D 95 18.81 -22.94 -19.63
C LYS D 95 17.58 -23.84 -19.56
N GLU D 96 16.39 -23.30 -19.77
CA GLU D 96 15.16 -24.07 -19.60
C GLU D 96 15.16 -25.30 -20.50
N ASP D 97 15.50 -25.13 -21.77
CA ASP D 97 15.31 -26.23 -22.70
C ASP D 97 16.11 -27.47 -22.31
N GLU D 98 17.19 -27.34 -21.54
CA GLU D 98 17.95 -28.51 -21.13
C GLU D 98 17.16 -29.41 -20.18
N LEU D 99 16.17 -28.85 -19.46
CA LEU D 99 15.34 -29.61 -18.54
C LEU D 99 14.34 -30.49 -19.27
N TYR D 100 14.18 -30.30 -20.57
CA TYR D 100 13.22 -31.03 -21.38
C TYR D 100 13.94 -31.71 -22.54
PA FAD E . -5.00 17.77 4.83
O1A FAD E . -5.96 17.01 5.66
O2A FAD E . -3.81 18.40 5.58
O5B FAD E . -4.42 16.87 3.69
C5B FAD E . -3.38 17.35 2.81
C4B FAD E . -2.76 16.18 2.08
O4B FAD E . -1.85 16.67 1.07
C3B FAD E . -1.95 15.23 2.96
O3B FAD E . -2.23 13.87 2.63
C2B FAD E . -0.50 15.58 2.61
O2B FAD E . 0.41 14.50 2.81
C1B FAD E . -0.67 15.92 1.13
N9A FAD E . 0.42 16.71 0.57
C8A FAD E . 1.02 17.80 1.13
N7A FAD E . 1.98 18.31 0.40
C5A FAD E . 2.00 17.49 -0.72
C6A FAD E . 2.80 17.49 -1.88
N6A FAD E . 3.76 18.39 -2.11
N1A FAD E . 2.56 16.54 -2.80
C2A FAD E . 1.60 15.64 -2.57
N3A FAD E . 0.78 15.55 -1.52
C4A FAD E . 1.05 16.50 -0.63
N1 FAD E . -11.35 19.21 11.70
C2 FAD E . -12.55 18.72 12.17
O2 FAD E . -13.60 18.86 11.53
N3 FAD E . -12.60 18.07 13.38
C4 FAD E . -11.54 17.83 14.22
O4 FAD E . -11.69 17.23 15.28
C4X FAD E . -10.27 18.34 13.72
N5 FAD E . -9.23 18.14 14.45
C5X FAD E . -8.02 18.63 14.00
C6 FAD E . -6.89 18.43 14.78
C7 FAD E . -5.64 18.89 14.37
C7M FAD E . -4.44 18.65 15.24
C8 FAD E . -5.52 19.57 13.14
C8M FAD E . -4.19 20.07 12.66
C9 FAD E . -6.65 19.76 12.36
C9A FAD E . -7.90 19.30 12.77
N10 FAD E . -9.07 19.50 12.01
C10 FAD E . -10.28 19.01 12.45
C1' FAD E . -9.02 20.20 10.73
C2' FAD E . -9.07 19.29 9.52
O2' FAD E . -8.24 18.16 9.82
C3' FAD E . -8.52 20.02 8.30
O3' FAD E . -9.28 21.20 8.07
C4' FAD E . -8.58 19.14 7.05
O4' FAD E . -7.87 17.92 7.29
C5' FAD E . -8.01 19.83 5.84
O5' FAD E . -8.12 18.95 4.70
P FAD E . -7.18 19.14 3.45
O1P FAD E . -7.45 17.98 2.48
O2P FAD E . -7.34 20.51 2.91
O3P FAD E . -5.71 18.96 4.06
H51A FAD E . -2.72 17.79 3.30
H52A FAD E . -3.76 17.95 2.18
H4B FAD E . -3.43 15.68 1.65
H3B FAD E . -2.12 15.41 3.87
HO3A FAD E . -2.48 13.46 3.31
H2B FAD E . -0.20 16.32 3.10
HO2A FAD E . 1.08 14.79 3.21
H1B FAD E . -0.75 15.13 0.64
H8A FAD E . 0.77 18.14 1.96
H61A FAD E . 3.92 19.01 -1.54
H62A FAD E . 4.22 18.34 -2.85
H2A FAD E . 1.48 15.00 -3.24
HN3 FAD E . -13.37 17.77 13.64
H6 FAD E . -7.12 17.98 15.56
HM71 FAD E . -4.28 19.41 15.77
HM72 FAD E . -3.69 18.49 14.71
HM73 FAD E . -4.60 17.90 15.80
HM81 FAD E . -3.75 19.40 12.18
HM82 FAD E . -4.32 20.82 12.12
HM83 FAD E . -3.66 20.32 13.40
H9 FAD E . -6.30 19.92 11.51
H1'1 FAD E . -9.76 20.79 10.68
H1'2 FAD E . -8.22 20.71 10.69
H2' FAD E . -9.95 19.02 9.34
HO2' FAD E . -8.72 17.48 9.82
H3' FAD E . -7.64 20.30 8.47
H4' FAD E . -9.49 18.93 6.89
HO4' FAD E . -8.22 17.31 6.84
H5'1 FAD E . -8.49 20.63 5.67
H5'2 FAD E . -7.11 20.04 5.99
C ACT F . -11.21 -0.44 3.30
O ACT F . -10.00 -0.47 2.95
OXT ACT F . -11.84 0.49 3.86
CH3 ACT F . -12.04 -1.70 3.00
H1 ACT F . -11.68 -2.14 2.21
H2 ACT F . -12.00 -2.30 3.76
H3 ACT F . -12.96 -1.45 2.84
C1 PEG G . 7.04 18.92 -19.61
O1 PEG G . 6.39 20.07 -20.06
C2 PEG G . 6.89 17.76 -20.61
O2 PEG G . 5.85 16.90 -20.21
C3 PEG G . 5.88 15.66 -20.85
C4 PEG G . 4.48 15.07 -20.95
O4 PEG G . 3.81 15.55 -22.08
H11 PEG G . 7.98 19.11 -19.48
H12 PEG G . 6.65 18.66 -18.76
HO1 PEG G . 6.51 20.71 -19.52
H21 PEG G . 7.72 17.27 -20.64
H22 PEG G . 6.68 18.13 -21.48
H31 PEG G . 6.45 15.04 -20.35
H32 PEG G . 6.25 15.76 -21.74
H41 PEG G . 3.98 15.32 -20.16
H42 PEG G . 4.54 14.10 -21.00
HO4 PEG G . 3.08 15.15 -22.17
C ACT H . -7.30 10.69 -21.37
O ACT H . -7.20 9.48 -21.06
OXT ACT H . -7.09 11.71 -20.66
CH3 ACT H . -7.73 11.01 -22.82
H1 ACT H . -7.84 10.17 -23.32
H2 ACT H . -8.57 11.49 -22.82
H3 ACT H . -7.04 11.54 -23.26
C ACT I . 32.70 24.48 7.81
O ACT I . 32.37 23.52 8.55
OXT ACT I . 32.22 25.64 7.77
CH3 ACT I . 33.83 24.20 6.77
H1 ACT I . 34.57 24.81 6.93
H2 ACT I . 34.14 23.28 6.86
H3 ACT I . 33.49 24.33 5.87
O1 PG4 J . 5.85 15.40 17.57
C1 PG4 J . 6.95 15.69 18.39
C2 PG4 J . 7.91 16.65 17.69
O2 PG4 J . 7.73 17.96 18.16
C3 PG4 J . 7.68 18.93 17.14
C4 PG4 J . 8.69 20.03 17.44
O3 PG4 J . 9.90 19.76 16.80
C5 PG4 J . 10.96 20.51 17.32
C6 PG4 J . 12.08 20.69 16.30
O4 PG4 J . 12.16 22.03 15.91
C7 PG4 J . 13.37 22.69 16.20
C8 PG4 J . 14.55 22.04 15.46
O5 PG4 J . 15.38 21.35 16.33
HO1 PG4 J . 5.40 14.77 17.92
H11 PG4 J . 7.42 14.87 18.59
H12 PG4 J . 6.64 16.09 19.21
H21 PG4 J . 8.83 16.38 17.87
H22 PG4 J . 7.75 16.64 16.73
H31 PG4 J . 6.79 19.31 17.11
H32 PG4 J . 7.89 18.52 16.30
H41 PG4 J . 8.84 20.09 18.40
H42 PG4 J . 8.34 20.89 17.13
H51 PG4 J . 10.63 21.39 17.57
H52 PG4 J . 11.30 20.07 18.10
H61 PG4 J . 12.93 20.42 16.71
H62 PG4 J . 11.91 20.14 15.54
H71 PG4 J . 13.54 22.64 17.15
H72 PG4 J . 13.30 23.61 15.93
H81 PG4 J . 15.06 22.74 15.01
H82 PG4 J . 14.20 21.44 14.79
HO5 PG4 J . 14.94 21.06 17.00
C1 PEG K . -6.94 20.51 -22.41
O1 PEG K . -6.55 19.52 -23.32
C2 PEG K . -8.30 20.20 -21.79
O2 PEG K . -9.18 21.29 -21.93
C3 PEG K . -10.52 21.00 -21.59
C4 PEG K . -11.47 22.00 -22.25
O4 PEG K . -12.22 21.38 -23.25
H11 PEG K . -6.98 21.36 -22.87
H12 PEG K . -6.28 20.56 -21.70
HO1 PEG K . -5.77 19.71 -23.63
H21 PEG K . -8.19 20.00 -20.86
H22 PEG K . -8.68 19.42 -22.24
H31 PEG K . -10.61 21.06 -20.63
H32 PEG K . -10.73 20.11 -21.88
H41 PEG K . -12.06 22.36 -21.57
H42 PEG K . -10.95 22.72 -22.64
HO4 PEG K . -12.79 21.94 -23.57
C1 PGE L . -33.39 26.08 -17.32
O1 PGE L . -32.51 26.55 -16.33
C2 PGE L . -33.74 24.62 -17.08
O2 PGE L . -32.83 24.05 -16.17
C3 PGE L . -32.66 22.67 -16.28
C4 PGE L . -31.18 22.31 -16.12
O4 PGE L . -28.92 24.64 -19.07
C6 PGE L . -29.81 24.20 -18.10
C5 PGE L . -29.46 22.77 -17.67
O3 PGE L . -30.62 22.05 -17.37
H1 PGE L . -34.19 26.61 -17.30
H12 PGE L . -32.96 26.17 -18.19
HO1 PGE L . -32.60 27.40 -16.25
H2 PGE L . -33.69 24.12 -17.92
H22 PGE L . -34.63 24.55 -16.72
H3 PGE L . -33.18 22.21 -15.60
H32 PGE L . -32.98 22.37 -17.16
H4 PGE L . -30.72 23.04 -15.70
H42 PGE L . -31.11 21.52 -15.57
H6 PGE L . -30.71 24.21 -18.46
H62 PGE L . -29.76 24.79 -17.32
H5 PGE L . -28.98 22.33 -18.38
H52 PGE L . -28.90 22.81 -16.87
C1 PGE M . -5.95 41.13 -9.14
O1 PGE M . -5.29 40.35 -8.19
C2 PGE M . -5.12 41.21 -10.43
O2 PGE M . -4.87 39.92 -10.92
C3 PGE M . -5.82 39.50 -11.88
C4 PGE M . -5.74 38.00 -12.04
O4 PGE M . -7.24 38.33 -8.27
C6 PGE M . -7.87 37.92 -9.45
C5 PGE M . -6.94 37.01 -10.24
O3 PGE M . -6.93 37.38 -11.60
H1 PGE M . -6.81 40.72 -9.35
H12 PGE M . -6.09 42.01 -8.79
HO1 PGE M . -4.87 40.86 -7.65
H2 PGE M . -4.29 41.65 -10.24
H22 PGE M . -5.60 41.72 -11.09
H3 PGE M . -5.62 39.93 -12.72
H32 PGE M . -6.71 39.74 -11.57
H4 PGE M . -4.99 37.66 -11.53
H42 PGE M . -5.60 37.79 -12.98
H6 PGE M . -8.68 37.44 -9.23
H62 PGE M . -8.09 38.70 -9.99
H5 PGE M . -7.25 36.09 -10.17
H52 PGE M . -6.04 37.08 -9.88
C ACT N . 4.94 26.82 2.80
O ACT N . 5.00 26.02 1.83
OXT ACT N . 4.91 26.56 4.01
CH3 ACT N . 4.84 28.31 2.41
H1 ACT N . 4.63 28.83 3.20
H2 ACT N . 5.71 28.60 2.07
H3 ACT N . 4.16 28.43 1.74
C ACT O . 7.19 23.68 3.05
O ACT O . 7.00 22.47 3.33
OXT ACT O . 7.02 24.69 3.77
CH3 ACT O . 7.72 23.94 1.63
H1 ACT O . 8.65 24.22 1.68
H2 ACT O . 7.20 24.65 1.21
H3 ACT O . 7.64 23.13 1.10
C ACT P . 8.14 31.01 -4.36
O ACT P . 8.75 29.97 -3.96
OXT ACT P . 7.14 31.57 -3.86
CH3 ACT P . 8.75 31.68 -5.62
H1 ACT P . 8.22 32.46 -5.86
H2 ACT P . 8.72 31.05 -6.36
H3 ACT P . 9.66 31.95 -5.45
C ACT Q . -0.79 6.32 -19.82
O ACT Q . -0.10 7.20 -20.40
OXT ACT Q . -0.45 5.12 -19.56
CH3 ACT Q . -2.17 6.75 -19.36
H1 ACT Q . -2.63 5.99 -18.96
H2 ACT Q . -2.68 7.08 -20.12
H3 ACT Q . -2.09 7.46 -18.70
C1 PEG R . -10.67 -0.62 -0.83
O1 PEG R . -9.45 -1.08 -1.30
C2 PEG R . -11.81 -1.63 -0.93
O2 PEG R . -11.39 -2.65 -1.76
C3 PEG R . -12.32 -3.68 -1.93
C4 PEG R . -13.41 -3.26 -2.92
O4 PEG R . -12.89 -2.57 -4.02
H11 PEG R . -10.92 0.16 -1.34
H12 PEG R . -10.56 -0.38 0.11
HO1 PEG R . -8.87 -0.86 -0.72
H21 PEG R . -12.59 -1.19 -1.30
H22 PEG R . -12.02 -1.97 -0.05
H31 PEG R . -11.87 -4.46 -2.28
H32 PEG R . -12.73 -3.90 -1.08
H41 PEG R . -13.88 -4.06 -3.24
H42 PEG R . -14.05 -2.68 -2.46
HO4 PEG R . -13.43 -2.62 -4.67
PA FAD S . -6.78 -20.20 -14.34
O1A FAD S . -6.51 -19.43 -15.57
O2A FAD S . -5.61 -20.30 -13.35
O5B FAD S . -8.06 -19.62 -13.62
C5B FAD S . -8.51 -20.15 -12.36
C4B FAD S . -9.60 -19.26 -11.79
O4B FAD S . -10.18 -19.90 -10.64
C3B FAD S . -9.12 -17.88 -11.32
O3B FAD S . -10.02 -16.84 -11.71
C2B FAD S . -9.10 -18.02 -9.80
O2B FAD S . -9.32 -16.78 -9.14
C1B FAD S . -10.28 -18.96 -9.60
N9A FAD S . -10.30 -19.68 -8.33
C8A FAD S . -9.29 -20.37 -7.74
N7A FAD S . -9.63 -20.91 -6.58
C5A FAD S . -10.97 -20.54 -6.43
C6A FAD S . -11.91 -20.80 -5.43
N6A FAD S . -11.66 -21.52 -4.33
N1A FAD S . -13.15 -20.30 -5.59
C2A FAD S . -13.42 -19.58 -6.68
N3A FAD S . -12.60 -19.27 -7.69
C4A FAD S . -11.39 -19.79 -7.50
N1 FAD S . -0.80 -20.46 -21.86
C2 FAD S . -0.72 -20.15 -23.19
O2 FAD S . -1.41 -20.73 -24.03
N3 FAD S . 0.15 -19.15 -23.60
C4 FAD S . 0.97 -18.41 -22.78
O4 FAD S . 1.70 -17.55 -23.25
C4X FAD S . 0.87 -18.76 -21.38
N5 FAD S . 1.62 -18.10 -20.54
C5X FAD S . 1.53 -18.42 -19.21
C6 FAD S . 2.32 -17.73 -18.29
C7 FAD S . 2.27 -18.01 -16.94
C7M FAD S . 3.14 -17.24 -15.99
C8 FAD S . 1.40 -19.02 -16.48
C8M FAD S . 1.32 -19.37 -15.01
C9 FAD S . 0.62 -19.72 -17.38
C9A FAD S . 0.67 -19.44 -18.74
N10 FAD S . -0.13 -20.11 -19.69
C10 FAD S . -0.05 -19.80 -21.02
C1' FAD S . -1.03 -21.19 -19.28
C2' FAD S . -2.48 -20.71 -19.13
O2' FAD S . -2.51 -19.48 -18.41
C3' FAD S . -3.28 -21.77 -18.34
O3' FAD S . -3.19 -23.00 -19.05
C4' FAD S . -4.73 -21.39 -18.16
O4' FAD S . -4.83 -20.05 -17.68
C5' FAD S . -5.48 -22.30 -17.19
O5' FAD S . -6.87 -21.93 -17.20
P FAD S . -7.83 -22.33 -16.03
O1P FAD S . -9.14 -21.59 -16.38
O2P FAD S . -7.91 -23.81 -15.91
O3P FAD S . -7.18 -21.70 -14.71
H51A FAD S . -7.79 -20.19 -11.76
H52A FAD S . -8.87 -21.01 -12.49
H4B FAD S . -10.28 -19.13 -12.43
H3B FAD S . -8.26 -17.73 -11.67
HO3A FAD S . -9.65 -16.34 -12.25
H2B FAD S . -8.30 -18.41 -9.50
HO2A FAD S . -8.61 -16.52 -8.81
H1B FAD S . -11.08 -18.48 -9.68
H8A FAD S . -8.44 -20.44 -8.10
H61A FAD S . -10.87 -21.86 -4.21
H62A FAD S . -12.29 -21.66 -3.75
H2A FAD S . -14.28 -19.25 -6.75
HN3 FAD S . 0.17 -18.99 -24.44
H6 FAD S . 2.84 -17.10 -18.74
HM71 FAD S . 3.83 -17.80 -15.67
HM72 FAD S . 3.51 -16.50 -16.42
HM73 FAD S . 2.62 -16.96 -15.25
HM81 FAD S . 2.18 -19.56 -14.69
HM82 FAD S . 0.77 -20.11 -14.90
HM83 FAD S . 0.97 -18.63 -14.54
H9 FAD S . 0.39 -20.50 -16.93
H1'1 FAD S . -1.01 -21.86 -19.93
H1'2 FAD S . -0.74 -21.53 -18.46
H2' FAD S . -2.88 -20.60 -19.97
HO2' FAD S . -2.81 -18.88 -18.90
H3' FAD S . -2.89 -21.90 -17.50
H4' FAD S . -5.14 -21.46 -19.01
HO4' FAD S . -5.53 -19.70 -17.98
H5'1 FAD S . -5.13 -22.20 -16.34
H5'2 FAD S . -5.39 -23.19 -17.48
O1 PG4 T . -9.70 -3.10 -19.16
C1 PG4 T . -8.87 -3.16 -20.29
C2 PG4 T . -8.28 -4.56 -20.47
O2 PG4 T . -7.06 -4.70 -19.78
C3 PG4 T . -7.07 -4.44 -18.41
C4 PG4 T . -8.09 -5.29 -17.66
O3 PG4 T . -8.07 -5.01 -16.28
C5 PG4 T . -8.58 -3.76 -15.90
C6 PG4 T . -10.11 -3.76 -15.89
O4 PG4 T . -10.62 -3.02 -16.97
C7 PG4 T . -11.74 -2.23 -16.64
C8 PG4 T . -12.68 -2.08 -17.84
O5 PG4 T . -11.97 -1.87 -19.03
HO1 PG4 T . -9.94 -2.28 -19.02
H11 PG4 T . -9.41 -2.94 -21.07
H12 PG4 T . -8.15 -2.52 -20.20
H21 PG4 T . -8.13 -4.72 -21.42
H22 PG4 T . -8.91 -5.21 -20.13
H31 PG4 T . -6.18 -4.62 -18.05
H32 PG4 T . -7.28 -3.50 -18.27
H41 PG4 T . -7.90 -6.23 -17.80
H42 PG4 T . -8.98 -5.11 -18.01
H51 PG4 T . -8.26 -3.55 -15.01
H52 PG4 T . -8.27 -3.09 -16.53
H61 PG4 T . -10.43 -3.39 -15.06
H62 PG4 T . -10.43 -4.68 -15.96
H71 PG4 T . -11.44 -1.36 -16.35
H72 PG4 T . -12.22 -2.66 -15.92
H81 PG4 T . -13.27 -1.32 -17.68
H82 PG4 T . -13.21 -2.88 -17.92
HO5 PG4 T . -12.48 -1.53 -19.61
C1 PEG U . -31.04 -32.15 -11.05
O1 PEG U . -32.11 -32.01 -10.15
C2 PEG U . -31.53 -32.36 -12.48
O2 PEG U . -30.47 -32.83 -13.29
C3 PEG U . -30.80 -33.89 -14.14
C4 PEG U . -31.65 -33.41 -15.31
O4 PEG U . -32.87 -34.09 -15.36
H11 PEG U . -30.51 -32.93 -10.78
H12 PEG U . -30.49 -31.36 -11.01
HO1 PEG U . -31.81 -31.88 -9.36
H21 PEG U . -31.86 -31.52 -12.84
H22 PEG U . -32.25 -33.01 -12.49
H31 PEG U . -31.30 -34.56 -13.63
H32 PEG U . -29.99 -34.30 -14.47
H41 PEG U . -31.81 -32.46 -15.21
H42 PEG U . -31.16 -33.57 -16.14
HO4 PEG U . -33.19 -34.04 -16.16
C ACT V . 14.06 -8.29 11.05
O ACT V . 15.11 -8.28 11.74
OXT ACT V . 13.18 -7.40 10.94
CH3 ACT V . 13.79 -9.55 10.20
H1 ACT V . 14.50 -10.20 10.34
H2 ACT V . 12.94 -9.95 10.46
H3 ACT V . 13.75 -9.31 9.26
O1 PG4 W . -10.08 -38.14 -20.63
C1 PG4 W . -9.77 -36.77 -20.56
C2 PG4 W . -10.48 -35.99 -21.66
O2 PG4 W . -10.03 -36.44 -22.90
C3 PG4 W . -9.05 -35.62 -23.48
C4 PG4 W . -8.26 -36.38 -24.54
O3 PG4 W . -9.09 -37.26 -25.24
C5 PG4 W . -8.39 -38.08 -26.14
C6 PG4 W . -9.31 -39.14 -26.74
O4 PG4 W . -9.35 -40.26 -25.92
C7 PG4 W . -10.36 -40.32 -25.03
C8 PG4 W . -9.99 -39.79 -23.62
O5 PG4 W . -9.85 -38.38 -23.61
HO1 PG4 W . -10.02 -38.47 -19.85
H11 PG4 W . -10.04 -36.44 -19.69
H12 PG4 W . -8.81 -36.66 -20.66
H21 PG4 W . -11.44 -36.14 -21.58
H22 PG4 W . -10.28 -35.05 -21.56
H31 PG4 W . -9.48 -34.86 -23.89
H32 PG4 W . -8.46 -35.31 -22.78
H41 PG4 W . -7.87 -35.75 -25.16
H42 PG4 W . -7.56 -36.89 -24.10
H51 PG4 W . -8.03 -37.52 -26.85
H52 PG4 W . -7.66 -38.51 -25.67
H61 PG4 W . -8.97 -39.40 -27.62
H62 PG4 W . -10.20 -38.78 -26.83
H71 PG4 W . -10.63 -41.26 -24.94
H72 PG4 W . -11.10 -39.80 -25.36
H81 PG4 W . -10.71 -40.03 -23.00
H82 PG4 W . -9.16 -40.20 -23.33
HO5 PG4 W . -10.58 -37.99 -23.77
C ACT X . -33.39 -22.99 -11.73
O ACT X . -33.23 -22.88 -12.96
OXT ACT X . -33.58 -22.09 -10.88
CH3 ACT X . -33.33 -24.44 -11.17
H1 ACT X . -32.60 -24.51 -10.54
H2 ACT X . -34.17 -24.64 -10.72
H3 ACT X . -33.19 -25.07 -11.90
C ACT Y . -22.89 -18.39 4.71
O ACT Y . -21.76 -17.93 5.06
OXT ACT Y . -23.89 -17.76 4.30
CH3 ACT Y . -23.05 -19.93 4.82
H1 ACT Y . -23.27 -20.30 3.95
H2 ACT Y . -23.76 -20.14 5.45
H3 ACT Y . -22.22 -20.32 5.14
C1 PEG Z . -9.66 -16.23 16.78
O1 PEG Z . -9.09 -16.41 18.05
C2 PEG Z . -10.39 -17.50 16.33
O2 PEG Z . -9.65 -18.16 15.34
C3 PEG Z . -8.46 -18.75 15.80
C4 PEG Z . -8.63 -20.26 15.90
O4 PEG Z . -9.93 -20.60 16.30
H11 PEG Z . -10.29 -15.49 16.80
H12 PEG Z . -8.96 -16.02 16.14
HO1 PEG Z . -9.01 -15.64 18.43
H21 PEG Z . -10.51 -18.08 17.09
H22 PEG Z . -11.26 -17.26 15.97
H31 PEG Z . -8.25 -18.39 16.68
H32 PEG Z . -7.74 -18.54 15.18
H41 PEG Z . -7.99 -20.61 16.55
H42 PEG Z . -8.45 -20.66 15.03
HO4 PEG Z . -10.00 -21.45 16.36
C1 PGE AA . -14.78 -44.06 -10.57
O1 PGE AA . -14.42 -45.03 -9.61
C2 PGE AA . -13.93 -44.21 -11.83
O2 PGE AA . -12.61 -43.79 -11.59
C3 PGE AA . -11.67 -44.28 -12.52
C4 PGE AA . -11.11 -45.62 -12.04
O4 PGE AA . -11.81 -45.73 -9.02
C6 PGE AA . -10.46 -46.06 -8.87
C5 PGE AA . -9.88 -46.46 -10.23
O3 PGE AA . -10.07 -45.41 -11.14
H1 PGE AA . -14.63 -43.18 -10.19
H12 PGE AA . -15.72 -44.17 -10.80
HO1 PGE AA . -15.12 -45.45 -9.37
H2 PGE AA . -13.92 -45.14 -12.09
H22 PGE AA . -14.31 -43.68 -12.54
H3 PGE AA . -12.10 -44.39 -13.37
H32 PGE AA . -10.95 -43.63 -12.60
H4 PGE AA . -11.82 -46.13 -11.61
H42 PGE AA . -10.78 -46.11 -12.81
H6 PGE AA . -10.37 -46.81 -8.25
H62 PGE AA . -9.97 -45.30 -8.52
H5 PGE AA . -10.32 -47.25 -10.55
H52 PGE AA . -8.93 -46.63 -10.13
C1 PEG BA . -3.64 -26.75 -3.47
O1 PEG BA . -3.32 -28.11 -3.65
C2 PEG BA . -4.97 -26.67 -2.73
O2 PEG BA . -5.63 -25.47 -3.03
C3 PEG BA . -6.19 -24.82 -1.91
C4 PEG BA . -7.55 -24.19 -2.22
O4 PEG BA . -8.61 -25.11 -2.16
H11 PEG BA . -3.72 -26.33 -4.34
H12 PEG BA . -2.95 -26.31 -2.96
HO1 PEG BA . -2.56 -28.17 -4.04
H21 PEG BA . -5.53 -27.41 -2.99
H22 PEG BA . -4.80 -26.71 -1.78
H31 PEG BA . -6.29 -25.48 -1.20
H32 PEG BA . -5.57 -24.13 -1.62
H41 PEG BA . -7.72 -23.49 -1.57
H42 PEG BA . -7.52 -23.81 -3.11
HO4 PEG BA . -9.31 -24.76 -2.50
C ACT CA . -9.69 -8.60 21.30
O ACT CA . -9.39 -9.75 20.87
OXT ACT CA . -10.80 -8.00 21.23
CH3 ACT CA . -8.52 -7.83 22.00
H1 ACT CA . -7.79 -7.72 21.37
H2 ACT CA . -8.23 -8.33 22.78
H3 ACT CA . -8.84 -6.95 22.27
FE1 FES DA . -1.02 20.36 19.51
FE2 FES DA . 0.42 21.08 21.68
S1 FES DA . -0.86 19.34 21.42
S2 FES DA . 0.18 22.16 19.81
C1 PEG EA . 5.14 30.90 14.34
O1 PEG EA . 6.25 31.76 14.27
C2 PEG EA . 4.28 31.00 13.08
O2 PEG EA . 2.93 30.76 13.39
C3 PEG EA . 2.09 31.86 13.17
C4 PEG EA . 0.67 31.56 13.68
O4 PEG EA . -0.26 32.45 13.12
H11 PEG EA . 4.60 31.15 15.11
H12 PEG EA . 5.46 29.99 14.44
HO1 PEG EA . 6.75 31.62 14.94
H21 PEG EA . 4.58 30.34 12.44
H22 PEG EA . 4.36 31.88 12.70
H31 PEG EA . 2.44 32.63 13.65
H32 PEG EA . 2.06 32.05 12.22
H41 PEG EA . 0.65 31.64 14.64
H42 PEG EA . 0.44 30.65 13.43
HO4 PEG EA . -1.04 32.26 13.42
C1 PEG FA . -6.30 13.58 27.86
O1 PEG FA . -7.13 14.70 28.01
C2 PEG FA . -6.27 13.11 26.40
O2 PEG FA . -6.04 14.19 25.56
C3 PEG FA . -7.15 14.60 24.80
C4 PEG FA . -7.41 16.09 25.05
O4 PEG FA . -8.52 16.54 24.32
H11 PEG FA . -5.39 13.82 28.13
H12 PEG FA . -6.63 12.86 28.42
HO1 PEG FA . -7.24 14.85 28.84
H21 PEG FA . -7.13 12.70 26.18
H22 PEG FA . -5.57 12.45 26.30
H31 PEG FA . -6.97 14.45 23.86
H32 PEG FA . -7.93 14.09 25.06
H41 PEG FA . -7.58 16.23 26.00
H42 PEG FA . -6.63 16.59 24.77
HO4 PEG FA . -8.58 17.38 24.40
C1 PEG GA . 6.65 34.29 16.95
O1 PEG GA . 6.97 35.16 18.01
C2 PEG GA . 5.86 35.05 15.89
O2 PEG GA . 4.52 34.66 15.94
C3 PEG GA . 3.85 34.74 14.71
C4 PEG GA . 3.75 36.21 14.25
O4 PEG GA . 2.46 36.72 14.50
H11 PEG GA . 7.47 33.94 16.56
H12 PEG GA . 6.11 33.55 17.28
HO1 PEG GA . 7.43 34.72 18.58
H21 PEG GA . 5.93 36.00 16.06
H22 PEG GA . 6.23 34.85 15.01
H31 PEG GA . 2.97 34.37 14.80
H32 PEG GA . 4.35 34.24 14.05
H41 PEG GA . 3.93 36.25 13.31
H42 PEG GA . 4.40 36.73 14.75
HO4 PEG GA . 2.36 37.44 14.05
C1 PEG HA . -4.19 39.26 23.15
O1 PEG HA . -4.84 40.43 22.74
C2 PEG HA . -5.18 38.19 23.64
O2 PEG HA . -5.42 37.22 22.65
C3 PEG HA . -6.42 36.29 23.00
C4 PEG HA . -7.75 36.66 22.34
O4 PEG HA . -8.75 36.97 23.26
H11 PEG HA . -3.69 38.90 22.40
H12 PEG HA . -3.58 39.48 23.88
HO1 PEG HA . -4.26 41.04 22.58
H21 PEG HA . -6.02 38.62 23.87
H22 PEG HA . -4.81 37.75 24.43
H31 PEG HA . -6.14 35.41 22.72
H32 PEG HA . -6.53 36.30 23.96
H41 PEG HA . -7.60 37.42 21.76
H42 PEG HA . -8.04 35.90 21.79
HO4 PEG HA . -9.51 36.90 22.90
C ACT IA . 17.18 -31.35 -25.26
O ACT IA . 16.77 -32.49 -25.56
OXT ACT IA . 16.58 -30.25 -25.38
CH3 ACT IA . 18.61 -31.25 -24.64
H1 ACT IA . 19.18 -30.70 -25.22
H2 ACT IA . 18.99 -32.14 -24.56
H3 ACT IA . 18.55 -30.84 -23.76
FE1 FES JA . 8.68 -19.09 -13.37
FE2 FES JA . 11.11 -18.25 -12.50
S1 FES JA . 9.79 -17.33 -13.97
S2 FES JA . 10.05 -20.10 -12.01
C1 PEG KA . 18.33 -33.59 -14.04
O1 PEG KA . 18.84 -34.91 -13.96
C2 PEG KA . 19.18 -32.77 -15.01
O2 PEG KA . 18.54 -32.67 -16.25
C3 PEG KA . 19.41 -32.55 -17.35
C4 PEG KA . 19.84 -33.94 -17.83
O4 PEG KA . 19.91 -34.00 -19.23
H11 PEG KA . 17.42 -33.62 -14.36
H12 PEG KA . 18.37 -33.18 -13.17
HO1 PEG KA . 18.40 -35.33 -13.35
H21 PEG KA . 20.04 -33.20 -15.13
H22 PEG KA . 19.32 -31.89 -14.64
H31 PEG KA . 20.19 -32.04 -17.09
H32 PEG KA . 18.95 -32.09 -18.07
H41 PEG KA . 20.71 -34.14 -17.46
H42 PEG KA . 19.20 -34.59 -17.51
HO4 PEG KA . 20.12 -34.78 -19.47
#